data_6C86
#
_entry.id   6C86
#
_cell.length_a   117.030
_cell.length_b   142.870
_cell.length_c   73.240
_cell.angle_alpha   90.000
_cell.angle_beta   90.000
_cell.angle_gamma   90.000
#
_symmetry.space_group_name_H-M   'P 21 21 2'
#
loop_
_entity.id
_entity.type
_entity.pdbx_description
1 polymer 'Lysine--tRNA ligase'
2 non-polymer "5'-O-[(L-LYSYLAMINO)SULFONYL]ADENOSINE"
3 non-polymer 1,2-ETHANEDIOL
4 non-polymer 'SODIUM ION'
5 non-polymer 'SULFATE ION'
6 non-polymer 'CHLORIDE ION'
7 water water
#
_entity_poly.entity_id   1
_entity_poly.type   'polypeptide(L)'
_entity_poly.pdbx_seq_one_letter_code
;MAHHHHHHMGTLEAQTQGPGSHYTDNRYKMMECIKDAGRPFYPHKFKISMSLPAYALKYGNVENGYIDKDTTLSLSGRVT
SIRSSSSKLIFYDIFCEEQKVQIIANIMEHDISTGEFSVSHSEIRRGDVVGFTGFPGKSKRGELSLFSKSVVLLSPCYHM
LPTAISGLKDQEVRYRQRYLDLMLNEESRKVFKLRSRAIKYIRNYFDRLGFLEVETPMLNMIYGGAAARPFITYHNELET
QLYMRIAPELYLKQLIVGGLDKVYEIGKNFRNEGIDLTHNPEFTAMEFYMAYADYYDLMDLTEELISGLVLEIHGSLKIP
YHPDGPEGKCIEIDFTTPWKRFSFVEEIESGLGEKLKRPLDSQENIDFMVEMCEKHEIELPHPRTAAKLLDKLAGHFVET
KCTNPSFIIDHPQTMSPLAKWHREKPEMTERFELFVLGKELCNAYTELNEPLQQRKFFEQQADAKASGDVEACPIDETFC
LALEHGLPPTGGWGLGIDRLIMFLADKNNIKEVILFPAMRNVKQNAQHSNQHSGN
;
_entity_poly.pdbx_strand_id   A,B
#
# COMPACT_ATOMS: atom_id res chain seq x y z
N SER A 21 -29.04 -24.62 -13.20
CA SER A 21 -29.39 -23.92 -14.43
C SER A 21 -28.95 -24.74 -15.64
N HIS A 22 -29.91 -25.04 -16.54
CA HIS A 22 -29.59 -25.83 -17.73
C HIS A 22 -28.60 -25.12 -18.65
N TYR A 23 -28.53 -23.79 -18.60
CA TYR A 23 -27.66 -23.05 -19.52
C TYR A 23 -26.18 -23.30 -19.22
N THR A 24 -25.78 -23.28 -17.95
CA THR A 24 -24.40 -23.56 -17.61
C THR A 24 -24.00 -24.97 -18.00
N ASP A 25 -24.84 -25.96 -17.69
CA ASP A 25 -24.57 -27.35 -18.07
C ASP A 25 -24.34 -27.47 -19.57
N ASN A 26 -25.28 -26.98 -20.38
CA ASN A 26 -25.16 -27.08 -21.83
C ASN A 26 -23.87 -26.42 -22.33
N ARG A 27 -23.48 -25.30 -21.72
CA ARG A 27 -22.25 -24.65 -22.17
C ARG A 27 -21.03 -25.53 -21.93
N TYR A 28 -20.95 -26.13 -20.74
CA TYR A 28 -19.89 -27.10 -20.48
C TYR A 28 -19.90 -28.23 -21.50
N LYS A 29 -21.10 -28.74 -21.81
CA LYS A 29 -21.20 -29.80 -22.82
C LYS A 29 -20.71 -29.29 -24.16
N MET A 30 -21.08 -28.07 -24.53
CA MET A 30 -20.61 -27.50 -25.79
CA MET A 30 -20.60 -27.51 -25.80
C MET A 30 -19.09 -27.39 -25.81
N MET A 31 -18.50 -26.93 -24.72
CA MET A 31 -17.04 -26.82 -24.67
C MET A 31 -16.38 -28.19 -24.77
N GLU A 32 -17.02 -29.22 -24.20
CA GLU A 32 -16.52 -30.58 -24.36
C GLU A 32 -16.64 -31.03 -25.81
N CYS A 33 -17.73 -30.68 -26.48
CA CYS A 33 -17.88 -31.02 -27.89
CA CYS A 33 -17.87 -31.04 -27.88
C CYS A 33 -16.82 -30.34 -28.73
N ILE A 34 -16.52 -29.07 -28.43
CA ILE A 34 -15.48 -28.34 -29.15
C ILE A 34 -14.13 -29.02 -28.97
N LYS A 35 -13.75 -29.26 -27.70
CA LYS A 35 -12.42 -29.79 -27.39
C LYS A 35 -12.19 -31.15 -28.03
N ASP A 36 -13.20 -32.03 -27.98
CA ASP A 36 -13.03 -33.37 -28.53
C ASP A 36 -13.12 -33.40 -30.04
N ALA A 37 -13.58 -32.32 -30.68
CA ALA A 37 -13.65 -32.25 -32.13
C ALA A 37 -12.40 -31.61 -32.74
N GLY A 38 -11.36 -31.35 -31.95
CA GLY A 38 -10.14 -30.77 -32.45
C GLY A 38 -10.21 -29.30 -32.79
N ARG A 39 -11.27 -28.60 -32.41
CA ARG A 39 -11.49 -27.19 -32.68
C ARG A 39 -10.89 -26.32 -31.58
N PRO A 40 -10.70 -25.01 -31.85
CA PRO A 40 -10.03 -24.13 -30.87
C PRO A 40 -10.64 -24.16 -29.48
N PHE A 41 -9.83 -24.59 -28.52
CA PHE A 41 -10.20 -24.73 -27.12
C PHE A 41 -9.26 -23.87 -26.28
N TYR A 42 -9.77 -22.76 -25.77
CA TYR A 42 -9.02 -21.87 -24.88
C TYR A 42 -7.62 -21.55 -25.43
N PRO A 43 -7.53 -20.91 -26.60
CA PRO A 43 -6.20 -20.63 -27.16
C PRO A 43 -5.32 -19.82 -26.20
N HIS A 44 -4.02 -20.10 -26.24
CA HIS A 44 -3.13 -19.53 -25.24
C HIS A 44 -2.85 -18.06 -25.48
N LYS A 45 -2.77 -17.66 -26.75
CA LYS A 45 -2.30 -16.32 -27.12
C LYS A 45 -3.06 -15.84 -28.35
N PHE A 46 -3.76 -14.72 -28.22
CA PHE A 46 -4.35 -14.00 -29.33
C PHE A 46 -3.63 -12.67 -29.45
N LYS A 47 -3.02 -12.41 -30.60
CA LYS A 47 -2.27 -11.18 -30.82
C LYS A 47 -3.17 -10.12 -31.45
N ILE A 48 -3.63 -9.15 -30.65
CA ILE A 48 -4.41 -8.06 -31.21
C ILE A 48 -3.51 -7.12 -32.01
N SER A 49 -4.12 -6.42 -32.96
CA SER A 49 -3.38 -5.42 -33.72
C SER A 49 -3.32 -4.09 -32.97
N MET A 50 -4.37 -3.75 -32.24
CA MET A 50 -4.43 -2.51 -31.48
C MET A 50 -5.62 -2.65 -30.53
N SER A 51 -5.69 -1.75 -29.55
CA SER A 51 -6.83 -1.80 -28.64
C SER A 51 -8.09 -1.32 -29.35
N LEU A 52 -9.24 -1.61 -28.74
CA LEU A 52 -10.47 -1.05 -29.30
C LEU A 52 -10.47 0.49 -29.20
N PRO A 53 -10.04 1.12 -28.09
CA PRO A 53 -9.88 2.58 -28.12
C PRO A 53 -8.97 3.08 -29.22
N ALA A 54 -7.83 2.42 -29.42
CA ALA A 54 -6.97 2.76 -30.54
C ALA A 54 -7.71 2.60 -31.86
N TYR A 55 -8.52 1.55 -31.98
CA TYR A 55 -9.24 1.30 -33.21
C TYR A 55 -10.22 2.45 -33.50
N ALA A 56 -11.00 2.84 -32.49
CA ALA A 56 -11.94 3.94 -32.70
C ALA A 56 -11.20 5.24 -33.02
N LEU A 57 -10.05 5.45 -32.39
CA LEU A 57 -9.27 6.65 -32.65
C LEU A 57 -8.83 6.71 -34.11
N LYS A 58 -8.32 5.60 -34.62
CA LYS A 58 -7.82 5.60 -35.99
C LYS A 58 -8.96 5.62 -37.02
N TYR A 59 -10.06 4.91 -36.78
CA TYR A 59 -11.05 4.70 -37.83
C TYR A 59 -12.42 5.34 -37.58
N GLY A 60 -12.63 5.98 -36.43
CA GLY A 60 -13.96 6.44 -36.11
C GLY A 60 -14.48 7.57 -36.98
N ASN A 61 -13.61 8.24 -37.73
CA ASN A 61 -13.98 9.40 -38.54
C ASN A 61 -13.93 9.13 -40.03
N VAL A 62 -13.77 7.87 -40.45
CA VAL A 62 -13.89 7.57 -41.88
C VAL A 62 -15.32 7.81 -42.36
N GLU A 63 -15.46 7.94 -43.68
CA GLU A 63 -16.76 8.08 -44.31
C GLU A 63 -17.59 6.81 -44.12
N ASN A 64 -18.91 6.98 -44.12
CA ASN A 64 -19.80 5.82 -44.07
C ASN A 64 -19.54 4.90 -45.26
N GLY A 65 -19.47 3.60 -45.00
CA GLY A 65 -19.22 2.63 -46.06
C GLY A 65 -17.77 2.41 -46.41
N TYR A 66 -16.85 3.16 -45.81
CA TYR A 66 -15.43 3.01 -46.12
C TYR A 66 -14.92 1.68 -45.58
N ILE A 67 -14.15 0.98 -46.38
CA ILE A 67 -13.50 -0.26 -45.94
C ILE A 67 -12.10 -0.28 -46.54
N ASP A 68 -11.11 -0.70 -45.74
CA ASP A 68 -9.74 -0.85 -46.24
C ASP A 68 -9.46 -2.34 -46.34
N LYS A 69 -9.75 -2.90 -47.52
CA LYS A 69 -9.49 -4.30 -47.81
C LYS A 69 -8.01 -4.61 -48.00
N ASP A 70 -7.13 -3.60 -47.95
CA ASP A 70 -5.68 -3.81 -47.98
C ASP A 70 -5.07 -3.96 -46.59
N THR A 71 -5.88 -3.93 -45.53
CA THR A 71 -5.36 -3.96 -44.16
C THR A 71 -6.16 -4.99 -43.37
N THR A 72 -5.46 -5.96 -42.80
CA THR A 72 -6.05 -7.01 -41.98
C THR A 72 -5.64 -6.78 -40.54
N LEU A 73 -6.61 -6.80 -39.63
CA LEU A 73 -6.41 -6.42 -38.24
C LEU A 73 -7.11 -7.43 -37.35
N SER A 74 -6.53 -7.65 -36.17
CA SER A 74 -7.07 -8.56 -35.17
C SER A 74 -7.54 -7.73 -33.98
N LEU A 75 -8.76 -8.00 -33.51
CA LEU A 75 -9.35 -7.28 -32.38
C LEU A 75 -9.96 -8.31 -31.42
N SER A 76 -10.12 -7.91 -30.17
CA SER A 76 -10.73 -8.79 -29.20
C SER A 76 -11.49 -8.00 -28.14
N GLY A 77 -12.54 -8.63 -27.62
CA GLY A 77 -13.28 -8.06 -26.51
C GLY A 77 -14.35 -9.04 -26.06
N ARG A 78 -15.26 -8.58 -25.21
CA ARG A 78 -16.39 -9.39 -24.75
C ARG A 78 -17.62 -9.10 -25.60
N VAL A 79 -18.27 -10.16 -26.08
CA VAL A 79 -19.45 -10.00 -26.93
C VAL A 79 -20.59 -9.47 -26.07
N THR A 80 -21.10 -8.28 -26.42
CA THR A 80 -22.28 -7.73 -25.76
C THR A 80 -23.54 -7.86 -26.60
N SER A 81 -23.44 -8.27 -27.86
CA SER A 81 -24.62 -8.38 -28.72
C SER A 81 -24.33 -9.34 -29.88
N ILE A 82 -25.31 -10.18 -30.21
CA ILE A 82 -25.29 -11.04 -31.39
C ILE A 82 -26.62 -10.91 -32.13
N ARG A 83 -26.56 -10.60 -33.42
CA ARG A 83 -27.75 -10.47 -34.26
C ARG A 83 -27.40 -11.03 -35.63
N SER A 84 -28.05 -12.12 -36.02
CA SER A 84 -27.94 -12.65 -37.38
C SER A 84 -29.07 -12.08 -38.21
N SER A 85 -28.74 -11.20 -39.16
CA SER A 85 -29.78 -10.54 -39.91
C SER A 85 -30.30 -11.41 -41.06
N SER A 86 -29.44 -12.28 -41.59
CA SER A 86 -29.81 -13.21 -42.65
C SER A 86 -28.99 -14.49 -42.49
N SER A 87 -29.21 -15.45 -43.39
CA SER A 87 -28.35 -16.63 -43.39
C SER A 87 -26.91 -16.28 -43.78
N LYS A 88 -26.70 -15.13 -44.40
CA LYS A 88 -25.38 -14.74 -44.89
C LYS A 88 -24.62 -13.80 -43.96
N LEU A 89 -25.27 -13.26 -42.93
CA LEU A 89 -24.77 -12.04 -42.30
C LEU A 89 -25.06 -12.06 -40.81
N ILE A 90 -24.01 -11.82 -40.01
CA ILE A 90 -24.11 -11.81 -38.55
C ILE A 90 -23.43 -10.55 -38.04
N PHE A 91 -24.11 -9.85 -37.13
CA PHE A 91 -23.59 -8.63 -36.51
C PHE A 91 -23.27 -8.89 -35.05
N TYR A 92 -22.06 -8.53 -34.64
CA TYR A 92 -21.63 -8.55 -33.25
C TYR A 92 -21.29 -7.15 -32.77
N ASP A 93 -21.53 -6.90 -31.49
CA ASP A 93 -20.83 -5.86 -30.74
C ASP A 93 -19.88 -6.52 -29.76
N ILE A 94 -18.63 -6.03 -29.71
CA ILE A 94 -17.71 -6.40 -28.65
C ILE A 94 -17.33 -5.14 -27.87
N PHE A 95 -16.94 -5.35 -26.63
CA PHE A 95 -16.61 -4.27 -25.72
C PHE A 95 -15.27 -4.57 -25.08
N CYS A 96 -14.42 -3.54 -24.98
CA CYS A 96 -13.13 -3.68 -24.32
C CYS A 96 -12.51 -2.31 -24.05
N GLU A 97 -12.01 -2.10 -22.83
CA GLU A 97 -11.37 -0.85 -22.45
C GLU A 97 -12.24 0.35 -22.79
N GLU A 98 -13.52 0.25 -22.43
CA GLU A 98 -14.52 1.31 -22.55
C GLU A 98 -14.91 1.63 -23.99
N GLN A 99 -14.56 0.79 -24.97
CA GLN A 99 -14.92 1.02 -26.36
C GLN A 99 -15.74 -0.14 -26.92
N LYS A 100 -16.84 0.19 -27.60
CA LYS A 100 -17.64 -0.77 -28.34
C LYS A 100 -17.27 -0.72 -29.81
N VAL A 101 -17.17 -1.89 -30.44
CA VAL A 101 -16.93 -1.98 -31.88
C VAL A 101 -17.88 -3.03 -32.44
N GLN A 102 -18.49 -2.72 -33.59
CA GLN A 102 -19.31 -3.68 -34.29
C GLN A 102 -18.48 -4.56 -35.23
N ILE A 103 -18.79 -5.84 -35.25
CA ILE A 103 -18.19 -6.79 -36.19
C ILE A 103 -19.29 -7.24 -37.16
N ILE A 104 -19.03 -7.11 -38.45
CA ILE A 104 -19.94 -7.57 -39.49
C ILE A 104 -19.31 -8.79 -40.14
N ALA A 105 -19.93 -9.96 -39.92
CA ALA A 105 -19.41 -11.24 -40.36
C ALA A 105 -20.26 -11.71 -41.54
N ASN A 106 -19.70 -11.54 -42.74
CA ASN A 106 -20.36 -11.92 -43.99
C ASN A 106 -19.81 -13.26 -44.46
N ILE A 107 -20.70 -14.19 -44.79
CA ILE A 107 -20.28 -15.54 -45.17
C ILE A 107 -19.31 -15.50 -46.34
N MET A 108 -19.45 -14.52 -47.23
CA MET A 108 -18.56 -14.44 -48.40
C MET A 108 -17.11 -14.18 -48.01
N GLU A 109 -16.86 -13.50 -46.89
CA GLU A 109 -15.50 -13.17 -46.46
C GLU A 109 -14.92 -14.20 -45.50
N HIS A 110 -15.65 -15.28 -45.21
CA HIS A 110 -15.26 -16.18 -44.15
C HIS A 110 -14.07 -17.04 -44.57
N ASP A 111 -13.06 -17.08 -43.71
CA ASP A 111 -11.91 -17.94 -43.92
C ASP A 111 -12.32 -19.38 -43.58
N ILE A 112 -12.55 -20.19 -44.63
CA ILE A 112 -13.04 -21.55 -44.42
C ILE A 112 -12.01 -22.49 -43.82
N SER A 113 -10.74 -22.09 -43.73
CA SER A 113 -9.75 -22.92 -43.04
C SER A 113 -10.00 -22.97 -41.53
N THR A 114 -10.70 -21.99 -40.97
CA THR A 114 -11.12 -22.01 -39.56
C THR A 114 -12.40 -22.80 -39.33
N GLY A 115 -12.88 -23.51 -40.35
CA GLY A 115 -14.14 -24.21 -40.30
C GLY A 115 -15.19 -23.55 -41.18
N GLU A 116 -16.29 -24.28 -41.36
CA GLU A 116 -17.42 -23.73 -42.08
C GLU A 116 -18.02 -22.56 -41.30
N PHE A 117 -18.54 -21.59 -42.06
CA PHE A 117 -19.06 -20.34 -41.50
C PHE A 117 -20.05 -20.57 -40.37
N SER A 118 -21.09 -21.37 -40.64
CA SER A 118 -22.15 -21.54 -39.65
C SER A 118 -21.65 -22.26 -38.40
N VAL A 119 -20.72 -23.18 -38.57
CA VAL A 119 -20.14 -23.86 -37.41
C VAL A 119 -19.35 -22.89 -36.57
N SER A 120 -18.51 -22.06 -37.21
CA SER A 120 -17.66 -21.11 -36.48
C SER A 120 -18.49 -20.20 -35.59
N HIS A 121 -19.58 -19.67 -36.13
CA HIS A 121 -20.38 -18.73 -35.37
C HIS A 121 -21.38 -19.39 -34.43
N SER A 122 -21.67 -20.68 -34.63
CA SER A 122 -22.56 -21.38 -33.71
C SER A 122 -21.95 -21.58 -32.33
N GLU A 123 -20.64 -21.42 -32.18
CA GLU A 123 -19.96 -21.64 -30.92
C GLU A 123 -19.96 -20.40 -30.02
N ILE A 124 -20.45 -19.27 -30.52
CA ILE A 124 -20.30 -17.98 -29.85
C ILE A 124 -21.60 -17.62 -29.13
N ARG A 125 -21.48 -17.08 -27.92
CA ARG A 125 -22.62 -16.59 -27.17
C ARG A 125 -22.32 -15.21 -26.62
N ARG A 126 -23.39 -14.43 -26.45
CA ARG A 126 -23.26 -13.15 -25.75
C ARG A 126 -22.57 -13.37 -24.41
N GLY A 127 -21.62 -12.49 -24.10
CA GLY A 127 -20.80 -12.62 -22.93
C GLY A 127 -19.48 -13.34 -23.14
N ASP A 128 -19.32 -14.04 -24.26
CA ASP A 128 -18.04 -14.69 -24.52
C ASP A 128 -16.96 -13.66 -24.80
N VAL A 129 -15.74 -14.00 -24.41
CA VAL A 129 -14.55 -13.28 -24.81
C VAL A 129 -14.06 -13.90 -26.11
N VAL A 130 -13.96 -13.10 -27.17
CA VAL A 130 -13.67 -13.65 -28.50
C VAL A 130 -12.68 -12.75 -29.23
N GLY A 131 -12.01 -13.32 -30.21
CA GLY A 131 -11.18 -12.57 -31.14
C GLY A 131 -11.78 -12.62 -32.53
N PHE A 132 -11.53 -11.58 -33.32
CA PHE A 132 -11.92 -11.50 -34.72
C PHE A 132 -10.75 -10.99 -35.55
N THR A 133 -10.73 -11.38 -36.82
CA THR A 133 -9.81 -10.81 -37.77
C THR A 133 -10.61 -10.31 -38.96
N GLY A 134 -10.20 -9.20 -39.56
CA GLY A 134 -10.93 -8.64 -40.67
C GLY A 134 -10.36 -7.31 -41.12
N PHE A 135 -11.13 -6.62 -41.95
CA PHE A 135 -10.93 -5.35 -42.64
C PHE A 135 -11.58 -4.20 -41.89
N PRO A 136 -10.89 -3.07 -41.70
CA PRO A 136 -11.49 -1.97 -40.94
C PRO A 136 -12.32 -1.06 -41.82
N GLY A 137 -13.32 -0.43 -41.17
CA GLY A 137 -14.08 0.62 -41.78
C GLY A 137 -15.35 0.99 -41.06
N LYS A 138 -16.38 1.33 -41.84
CA LYS A 138 -17.64 1.82 -41.31
C LYS A 138 -18.75 1.27 -42.18
N SER A 139 -19.79 0.71 -41.54
CA SER A 139 -20.95 0.28 -42.31
C SER A 139 -21.55 1.46 -43.05
N LYS A 140 -22.37 1.16 -44.05
CA LYS A 140 -23.02 2.21 -44.81
C LYS A 140 -23.92 3.07 -43.93
N ARG A 141 -24.32 2.56 -42.77
CA ARG A 141 -25.12 3.31 -41.82
C ARG A 141 -24.28 4.09 -40.80
N GLY A 142 -22.95 4.05 -40.91
CA GLY A 142 -22.11 4.90 -40.10
C GLY A 142 -21.57 4.28 -38.82
N GLU A 143 -21.71 2.97 -38.65
CA GLU A 143 -21.23 2.29 -37.46
C GLU A 143 -19.78 1.87 -37.67
N LEU A 144 -18.92 2.28 -36.74
CA LEU A 144 -17.53 1.83 -36.74
C LEU A 144 -17.48 0.32 -36.62
N SER A 145 -16.81 -0.33 -37.58
CA SER A 145 -16.94 -1.78 -37.73
C SER A 145 -15.64 -2.41 -38.18
N LEU A 146 -15.54 -3.71 -37.94
CA LEU A 146 -14.58 -4.59 -38.58
C LEU A 146 -15.37 -5.57 -39.45
N PHE A 147 -14.98 -5.70 -40.71
CA PHE A 147 -15.60 -6.66 -41.61
C PHE A 147 -14.76 -7.93 -41.55
N SER A 148 -15.27 -8.91 -40.80
CA SER A 148 -14.42 -9.99 -40.30
C SER A 148 -14.28 -11.11 -41.32
N LYS A 149 -13.16 -11.82 -41.20
CA LYS A 149 -12.89 -13.04 -41.95
C LYS A 149 -12.92 -14.29 -41.09
N SER A 150 -12.81 -14.16 -39.77
CA SER A 150 -12.75 -15.29 -38.87
C SER A 150 -13.17 -14.84 -37.48
N VAL A 151 -13.53 -15.81 -36.64
CA VAL A 151 -13.87 -15.58 -35.23
C VAL A 151 -13.23 -16.69 -34.43
N VAL A 152 -12.65 -16.34 -33.28
CA VAL A 152 -12.04 -17.33 -32.40
CA VAL A 152 -12.00 -17.31 -32.40
C VAL A 152 -12.61 -17.16 -31.00
N LEU A 153 -13.17 -18.25 -30.47
CA LEU A 153 -13.68 -18.26 -29.11
C LEU A 153 -12.49 -18.36 -28.15
N LEU A 154 -12.23 -17.28 -27.42
CA LEU A 154 -11.10 -17.23 -26.48
C LEU A 154 -11.48 -17.67 -25.08
N SER A 155 -12.62 -17.21 -24.58
CA SER A 155 -13.01 -17.61 -23.23
C SER A 155 -14.53 -17.49 -23.10
N PRO A 156 -15.26 -18.61 -23.12
CA PRO A 156 -16.72 -18.54 -23.06
C PRO A 156 -17.20 -18.12 -21.69
N CYS A 157 -18.37 -17.48 -21.68
CA CYS A 157 -19.12 -17.20 -20.47
C CYS A 157 -20.15 -18.29 -20.28
N TYR A 158 -20.16 -18.92 -19.10
CA TYR A 158 -21.01 -20.07 -18.84
C TYR A 158 -22.35 -19.71 -18.21
N HIS A 159 -22.64 -18.42 -18.03
CA HIS A 159 -23.87 -17.98 -17.37
C HIS A 159 -24.58 -16.94 -18.22
N MET A 160 -25.91 -16.96 -18.17
CA MET A 160 -26.73 -15.99 -18.88
CA MET A 160 -26.71 -15.98 -18.90
C MET A 160 -26.57 -14.63 -18.22
N LEU A 161 -26.03 -13.66 -18.95
CA LEU A 161 -25.76 -12.38 -18.30
C LEU A 161 -26.93 -11.42 -18.49
N PRO A 162 -27.32 -10.64 -17.48
CA PRO A 162 -28.30 -9.58 -17.71
C PRO A 162 -27.75 -8.48 -18.61
N THR A 163 -28.60 -7.50 -18.93
CA THR A 163 -28.14 -6.39 -19.78
C THR A 163 -27.47 -5.30 -18.95
N ALA A 164 -27.90 -5.11 -17.71
CA ALA A 164 -27.34 -4.09 -16.82
C ALA A 164 -27.55 -4.54 -15.39
N ILE A 165 -26.96 -3.80 -14.45
CA ILE A 165 -27.10 -4.13 -13.03
C ILE A 165 -28.55 -4.18 -12.60
N SER A 166 -29.46 -3.61 -13.41
CA SER A 166 -30.89 -3.65 -13.08
C SER A 166 -31.48 -5.04 -13.24
N GLY A 167 -30.86 -5.88 -14.09
CA GLY A 167 -31.31 -7.24 -14.28
C GLY A 167 -30.77 -8.24 -13.30
N LEU A 168 -29.90 -7.82 -12.38
CA LEU A 168 -29.26 -8.72 -11.43
C LEU A 168 -30.27 -9.19 -10.36
N LYS A 169 -29.91 -10.28 -9.68
CA LYS A 169 -30.82 -10.87 -8.70
C LYS A 169 -31.13 -9.89 -7.57
N ASP A 170 -30.09 -9.41 -6.89
CA ASP A 170 -30.19 -8.33 -5.92
C ASP A 170 -28.98 -7.44 -6.12
N GLN A 171 -29.00 -6.25 -5.53
CA GLN A 171 -27.90 -5.32 -5.75
C GLN A 171 -26.68 -5.62 -4.88
N GLU A 172 -26.82 -6.54 -3.91
CA GLU A 172 -25.65 -7.12 -3.25
C GLU A 172 -24.80 -7.96 -4.19
N VAL A 173 -25.34 -8.34 -5.36
CA VAL A 173 -24.53 -9.05 -6.32
C VAL A 173 -23.40 -8.15 -6.81
N ARG A 174 -23.64 -6.84 -6.84
CA ARG A 174 -22.63 -5.89 -7.27
C ARG A 174 -21.37 -5.99 -6.40
N TYR A 175 -21.53 -6.20 -5.09
CA TYR A 175 -20.40 -6.24 -4.18
C TYR A 175 -19.80 -7.63 -4.02
N ARG A 176 -20.63 -8.68 -4.07
CA ARG A 176 -20.16 -10.06 -3.91
C ARG A 176 -19.55 -10.62 -5.20
N GLN A 177 -19.95 -10.12 -6.34
CA GLN A 177 -19.40 -10.51 -7.63
C GLN A 177 -19.08 -9.23 -8.37
N ARG A 178 -18.03 -8.55 -7.88
CA ARG A 178 -17.68 -7.23 -8.39
C ARG A 178 -17.36 -7.28 -9.89
N TYR A 179 -16.86 -8.43 -10.38
CA TYR A 179 -16.62 -8.54 -11.82
C TYR A 179 -17.90 -8.35 -12.62
N LEU A 180 -19.05 -8.73 -12.06
CA LEU A 180 -20.31 -8.48 -12.77
C LEU A 180 -20.63 -6.98 -12.82
N ASP A 181 -20.43 -6.30 -11.69
CA ASP A 181 -20.61 -4.85 -11.65
C ASP A 181 -19.68 -4.15 -12.63
N LEU A 182 -18.41 -4.54 -12.65
CA LEU A 182 -17.47 -3.84 -13.52
C LEU A 182 -17.76 -4.14 -14.98
N MET A 183 -18.23 -5.34 -15.26
CA MET A 183 -18.58 -5.75 -16.62
C MET A 183 -19.78 -4.98 -17.17
N LEU A 184 -20.80 -4.73 -16.33
CA LEU A 184 -22.06 -4.20 -16.83
C LEU A 184 -22.30 -2.74 -16.51
N ASN A 185 -21.50 -2.12 -15.64
CA ASN A 185 -21.85 -0.82 -15.05
C ASN A 185 -20.69 0.15 -15.20
N GLU A 186 -20.80 1.06 -16.17
CA GLU A 186 -19.72 2.03 -16.42
C GLU A 186 -19.49 2.95 -15.21
N GLU A 187 -20.54 3.25 -14.45
CA GLU A 187 -20.40 4.12 -13.28
C GLU A 187 -19.51 3.49 -12.21
N SER A 188 -19.54 2.16 -12.09
CA SER A 188 -18.63 1.52 -11.15
C SER A 188 -17.19 1.63 -11.64
N ARG A 189 -16.93 1.41 -12.93
CA ARG A 189 -15.56 1.54 -13.43
C ARG A 189 -15.04 2.96 -13.25
N LYS A 190 -15.91 3.97 -13.43
CA LYS A 190 -15.46 5.35 -13.26
C LYS A 190 -14.97 5.63 -11.84
N VAL A 191 -15.61 5.01 -10.84
CA VAL A 191 -15.25 5.27 -9.45
C VAL A 191 -13.82 4.84 -9.19
N PHE A 192 -13.45 3.67 -9.67
CA PHE A 192 -12.13 3.16 -9.35
C PHE A 192 -11.04 3.81 -10.18
N LYS A 193 -11.38 4.40 -11.32
CA LYS A 193 -10.41 5.24 -12.01
C LYS A 193 -10.23 6.58 -11.29
N LEU A 194 -11.33 7.17 -10.81
CA LEU A 194 -11.23 8.40 -10.02
C LEU A 194 -10.42 8.19 -8.76
N ARG A 195 -10.61 7.03 -8.12
CA ARG A 195 -9.88 6.74 -6.89
C ARG A 195 -8.36 6.74 -7.15
N SER A 196 -7.92 6.06 -8.20
CA SER A 196 -6.52 6.09 -8.60
C SER A 196 -6.05 7.52 -8.90
N ARG A 197 -6.86 8.28 -9.64
CA ARG A 197 -6.49 9.65 -9.98
C ARG A 197 -6.29 10.50 -8.73
N ALA A 198 -7.17 10.39 -7.75
CA ALA A 198 -7.05 11.21 -6.55
C ALA A 198 -5.80 10.84 -5.75
N ILE A 199 -5.50 9.55 -5.64
CA ILE A 199 -4.31 9.13 -4.90
C ILE A 199 -3.05 9.61 -5.61
N LYS A 200 -3.05 9.62 -6.95
CA LYS A 200 -1.92 10.19 -7.70
C LYS A 200 -1.73 11.66 -7.37
N TYR A 201 -2.81 12.45 -7.43
CA TYR A 201 -2.74 13.86 -7.05
C TYR A 201 -2.14 14.02 -5.66
N ILE A 202 -2.60 13.19 -4.73
CA ILE A 202 -2.16 13.30 -3.35
C ILE A 202 -0.67 12.99 -3.23
N ARG A 203 -0.23 11.89 -3.83
CA ARG A 203 1.21 11.60 -3.85
C ARG A 203 1.99 12.77 -4.41
N ASN A 204 1.54 13.31 -5.54
CA ASN A 204 2.29 14.37 -6.20
C ASN A 204 2.37 15.63 -5.31
N TYR A 205 1.28 15.96 -4.63
CA TYR A 205 1.30 17.09 -3.71
C TYR A 205 2.44 16.95 -2.68
N PHE A 206 2.55 15.78 -2.05
CA PHE A 206 3.57 15.64 -1.01
C PHE A 206 4.95 15.38 -1.59
N ASP A 207 5.05 14.73 -2.76
CA ASP A 207 6.35 14.56 -3.38
C ASP A 207 6.96 15.90 -3.77
N ARG A 208 6.11 16.84 -4.19
CA ARG A 208 6.61 18.15 -4.59
C ARG A 208 7.10 18.94 -3.38
N LEU A 209 6.56 18.67 -2.19
CA LEU A 209 7.04 19.28 -0.96
C LEU A 209 8.30 18.60 -0.42
N GLY A 210 8.84 17.60 -1.10
CA GLY A 210 10.03 16.92 -0.64
C GLY A 210 9.82 15.82 0.38
N PHE A 211 8.62 15.28 0.51
CA PHE A 211 8.38 14.18 1.43
C PHE A 211 8.97 12.89 0.90
N LEU A 212 9.21 11.96 1.82
CA LEU A 212 9.65 10.61 1.52
C LEU A 212 8.55 9.64 1.91
N GLU A 213 8.07 8.85 0.94
CA GLU A 213 7.11 7.78 1.22
C GLU A 213 7.81 6.57 1.81
N VAL A 214 7.21 6.02 2.87
CA VAL A 214 7.78 4.90 3.61
C VAL A 214 6.72 3.81 3.80
N GLU A 215 7.17 2.63 4.25
CA GLU A 215 6.28 1.56 4.69
C GLU A 215 6.69 1.11 6.09
N THR A 216 5.72 1.03 6.98
CA THR A 216 5.97 0.60 8.35
C THR A 216 5.04 -0.56 8.67
N PRO A 217 5.38 -1.36 9.68
CA PRO A 217 4.79 -2.70 9.76
C PRO A 217 3.28 -2.68 9.96
N MET A 218 2.63 -3.61 9.29
CA MET A 218 1.22 -3.88 9.53
C MET A 218 1.03 -4.97 10.59
N LEU A 219 2.09 -5.73 10.87
CA LEU A 219 2.13 -6.67 11.98
C LEU A 219 2.87 -6.01 13.15
N ASN A 220 2.20 -5.88 14.28
CA ASN A 220 2.71 -5.11 15.41
C ASN A 220 2.72 -6.02 16.64
N MET A 221 3.82 -5.99 17.40
CA MET A 221 3.78 -6.66 18.69
C MET A 221 2.88 -5.94 19.68
N ILE A 222 2.67 -4.63 19.47
CA ILE A 222 1.81 -3.78 20.30
C ILE A 222 1.07 -2.84 19.37
N TYR A 223 -0.26 -2.84 19.44
CA TYR A 223 -1.06 -1.96 18.59
C TYR A 223 -1.22 -0.61 19.26
N GLY A 224 -1.36 0.43 18.44
CA GLY A 224 -1.51 1.77 18.96
C GLY A 224 -1.72 2.78 17.85
N GLY A 225 -1.90 4.04 18.26
CA GLY A 225 -1.99 5.13 17.33
C GLY A 225 -3.40 5.58 16.98
N ALA A 226 -4.41 4.99 17.60
CA ALA A 226 -5.79 5.37 17.33
C ALA A 226 -6.66 4.77 18.44
N ALA A 227 -7.95 5.15 18.42
CA ALA A 227 -8.95 4.60 19.32
C ALA A 227 -9.73 3.56 18.54
N ALA A 228 -9.33 2.29 18.67
CA ALA A 228 -9.86 1.25 17.81
C ALA A 228 -9.46 -0.11 18.37
N ARG A 229 -10.34 -1.10 18.18
CA ARG A 229 -10.06 -2.47 18.55
C ARG A 229 -9.30 -3.17 17.43
N PRO A 230 -8.26 -3.93 17.75
CA PRO A 230 -7.42 -4.58 16.72
C PRO A 230 -7.84 -6.00 16.38
N PHE A 231 -7.36 -6.46 15.22
CA PHE A 231 -7.34 -7.87 14.92
C PHE A 231 -6.12 -8.49 15.60
N ILE A 232 -6.29 -9.71 16.11
CA ILE A 232 -5.22 -10.43 16.77
C ILE A 232 -4.79 -11.61 15.91
N THR A 233 -3.48 -11.83 15.79
CA THR A 233 -3.01 -13.05 15.13
C THR A 233 -1.75 -13.52 15.85
N TYR A 234 -0.99 -14.41 15.21
CA TYR A 234 0.06 -15.14 15.90
C TYR A 234 1.13 -15.60 14.91
N HIS A 235 2.39 -15.39 15.25
CA HIS A 235 3.50 -15.88 14.45
C HIS A 235 4.07 -17.15 15.07
N ASN A 236 3.97 -18.26 14.33
CA ASN A 236 4.32 -19.55 14.90
C ASN A 236 5.80 -19.65 15.25
N GLU A 237 6.69 -19.37 14.28
CA GLU A 237 8.11 -19.65 14.52
C GLU A 237 8.69 -18.73 15.58
N LEU A 238 8.24 -17.48 15.64
CA LEU A 238 8.68 -16.59 16.71
C LEU A 238 7.88 -16.76 17.99
N GLU A 239 6.89 -17.64 18.00
CA GLU A 239 6.09 -17.94 19.18
C GLU A 239 5.59 -16.66 19.86
N THR A 240 4.96 -15.78 19.07
CA THR A 240 4.46 -14.56 19.67
C THR A 240 3.17 -14.11 19.01
N GLN A 241 2.29 -13.54 19.83
CA GLN A 241 1.08 -12.93 19.32
C GLN A 241 1.41 -11.57 18.70
N LEU A 242 0.64 -11.22 17.69
CA LEU A 242 0.80 -9.99 16.96
C LEU A 242 -0.57 -9.35 16.78
N TYR A 243 -0.57 -8.07 16.48
CA TYR A 243 -1.77 -7.32 16.14
C TYR A 243 -1.62 -6.76 14.73
N MET A 244 -2.67 -6.86 13.93
CA MET A 244 -2.72 -6.02 12.73
C MET A 244 -2.74 -4.58 13.19
N ARG A 245 -2.05 -3.71 12.45
CA ARG A 245 -1.99 -2.32 12.88
C ARG A 245 -3.35 -1.65 12.78
N ILE A 246 -3.67 -0.82 13.77
CA ILE A 246 -4.82 0.07 13.63
C ILE A 246 -4.40 1.42 13.04
N ALA A 247 -3.11 1.76 13.11
CA ALA A 247 -2.58 2.99 12.55
C ALA A 247 -1.06 2.91 12.52
N PRO A 248 -0.40 3.55 11.55
CA PRO A 248 1.07 3.58 11.54
C PRO A 248 1.71 4.66 12.40
N GLU A 249 0.92 5.40 13.20
CA GLU A 249 1.39 6.63 13.84
C GLU A 249 2.69 6.44 14.64
N LEU A 250 2.77 5.39 15.48
CA LEU A 250 3.90 5.26 16.39
CA LEU A 250 3.90 5.27 16.39
C LEU A 250 5.20 4.91 15.65
N TYR A 251 5.12 4.17 14.56
CA TYR A 251 6.33 3.93 13.79
C TYR A 251 6.77 5.20 13.06
N LEU A 252 5.82 5.91 12.47
CA LEU A 252 6.16 7.07 11.65
C LEU A 252 6.84 8.15 12.47
N LYS A 253 6.37 8.39 13.70
CA LYS A 253 7.02 9.38 14.55
C LYS A 253 8.47 9.00 14.85
N GLN A 254 8.76 7.70 14.95
CA GLN A 254 10.14 7.29 15.16
C GLN A 254 11.02 7.67 13.98
N LEU A 255 10.43 7.79 12.78
CA LEU A 255 11.22 8.21 11.63
C LEU A 255 11.56 9.69 11.72
N ILE A 256 10.73 10.48 12.39
CA ILE A 256 11.06 11.88 12.60
C ILE A 256 12.16 12.00 13.67
N VAL A 257 12.13 11.14 14.68
CA VAL A 257 13.28 11.07 15.59
C VAL A 257 14.54 10.74 14.82
N GLY A 258 14.43 9.84 13.84
CA GLY A 258 15.56 9.49 13.03
C GLY A 258 15.97 10.55 12.03
N GLY A 259 15.24 11.66 11.95
CA GLY A 259 15.71 12.80 11.17
C GLY A 259 15.25 12.85 9.74
N LEU A 260 14.27 12.03 9.35
CA LEU A 260 13.80 12.07 7.97
C LEU A 260 12.95 13.31 7.66
N ASP A 261 12.56 14.07 8.68
CA ASP A 261 11.93 15.39 8.55
C ASP A 261 10.51 15.41 7.95
N LYS A 262 10.29 14.71 6.83
CA LYS A 262 8.98 14.70 6.16
C LYS A 262 8.72 13.30 5.61
N VAL A 263 7.82 12.55 6.24
CA VAL A 263 7.49 11.21 5.74
C VAL A 263 5.98 11.10 5.56
N TYR A 264 5.56 10.32 4.54
CA TYR A 264 4.16 9.92 4.41
C TYR A 264 4.07 8.44 4.11
N GLU A 265 2.88 7.89 4.36
CA GLU A 265 2.57 6.49 4.15
C GLU A 265 1.12 6.40 3.72
N ILE A 266 0.84 5.65 2.66
CA ILE A 266 -0.55 5.39 2.21
C ILE A 266 -0.75 3.88 2.20
N GLY A 267 -1.66 3.39 3.03
CA GLY A 267 -1.89 1.96 3.07
C GLY A 267 -2.98 1.60 4.06
N LYS A 268 -3.21 0.30 4.17
CA LYS A 268 -4.34 -0.20 4.93
C LYS A 268 -4.12 -0.08 6.43
N ASN A 269 -5.19 0.25 7.14
CA ASN A 269 -5.34 -0.01 8.57
C ASN A 269 -6.37 -1.12 8.75
N PHE A 270 -6.33 -1.76 9.91
CA PHE A 270 -7.23 -2.86 10.20
C PHE A 270 -7.94 -2.55 11.51
N ARG A 271 -9.26 -2.53 11.49
CA ARG A 271 -10.01 -2.22 12.70
C ARG A 271 -11.13 -3.24 12.85
N ASN A 272 -11.08 -3.95 13.97
CA ASN A 272 -11.95 -5.09 14.23
C ASN A 272 -13.21 -4.53 14.87
N GLU A 273 -14.07 -3.99 14.02
CA GLU A 273 -15.24 -3.22 14.44
C GLU A 273 -16.35 -3.46 13.43
N GLY A 274 -17.53 -2.94 13.75
CA GLY A 274 -18.69 -3.18 12.91
C GLY A 274 -18.61 -2.44 11.59
N ILE A 275 -19.32 -2.95 10.60
CA ILE A 275 -19.31 -2.36 9.27
C ILE A 275 -20.59 -1.59 9.05
N ASP A 276 -20.49 -0.42 8.43
CA ASP A 276 -21.64 0.38 8.11
C ASP A 276 -21.29 1.25 6.90
N LEU A 277 -22.11 2.27 6.63
CA LEU A 277 -21.94 3.07 5.41
C LEU A 277 -20.60 3.77 5.34
N THR A 278 -19.90 3.98 6.47
CA THR A 278 -18.60 4.65 6.46
C THR A 278 -17.50 3.85 7.13
N HIS A 279 -17.72 2.58 7.50
CA HIS A 279 -16.70 1.74 8.12
C HIS A 279 -16.58 0.41 7.38
N ASN A 280 -15.36 0.08 6.92
CA ASN A 280 -14.97 -1.25 6.46
C ASN A 280 -13.84 -1.74 7.37
N PRO A 281 -13.77 -3.05 7.69
CA PRO A 281 -12.75 -3.50 8.65
C PRO A 281 -11.32 -3.30 8.19
N GLU A 282 -11.07 -3.21 6.88
CA GLU A 282 -9.81 -2.67 6.39
C GLU A 282 -10.11 -1.47 5.52
N PHE A 283 -9.27 -0.45 5.60
CA PHE A 283 -9.51 0.77 4.86
C PHE A 283 -8.17 1.41 4.58
N THR A 284 -8.16 2.33 3.65
CA THR A 284 -6.93 2.94 3.21
C THR A 284 -6.83 4.31 3.85
N ALA A 285 -5.75 4.52 4.59
CA ALA A 285 -5.47 5.78 5.23
C ALA A 285 -4.14 6.33 4.71
N MET A 286 -4.04 7.64 4.69
CA MET A 286 -2.76 8.31 4.54
C MET A 286 -2.41 9.01 5.84
N GLU A 287 -1.17 8.84 6.28
CA GLU A 287 -0.61 9.62 7.37
C GLU A 287 0.65 10.30 6.86
N PHE A 288 0.87 11.53 7.30
CA PHE A 288 2.15 12.19 7.11
C PHE A 288 2.58 12.88 8.40
N TYR A 289 3.89 13.00 8.56
CA TYR A 289 4.52 13.64 9.70
C TYR A 289 5.52 14.65 9.16
N MET A 290 5.38 15.90 9.61
CA MET A 290 6.19 17.02 9.14
C MET A 290 6.87 17.67 10.36
N ALA A 291 8.18 17.51 10.48
CA ALA A 291 8.89 18.19 11.55
C ALA A 291 8.72 19.70 11.42
N TYR A 292 8.55 20.37 12.56
CA TYR A 292 8.47 21.82 12.77
C TYR A 292 7.11 22.41 12.41
N ALA A 293 6.13 21.59 12.06
CA ALA A 293 4.75 22.04 11.85
C ALA A 293 3.97 21.89 13.15
N ASP A 294 2.96 22.74 13.33
CA ASP A 294 1.97 22.55 14.39
C ASP A 294 0.60 22.42 13.75
N TYR A 295 -0.45 22.31 14.56
CA TYR A 295 -1.75 21.98 13.98
C TYR A 295 -2.39 23.16 13.23
N TYR A 296 -1.96 24.40 13.51
CA TYR A 296 -2.36 25.53 12.66
C TYR A 296 -1.82 25.36 11.24
N ASP A 297 -0.54 25.03 11.11
CA ASP A 297 0.03 24.72 9.79
C ASP A 297 -0.75 23.59 9.14
N LEU A 298 -1.12 22.59 9.91
CA LEU A 298 -1.77 21.42 9.33
C LEU A 298 -3.17 21.76 8.85
N MET A 299 -3.87 22.65 9.57
CA MET A 299 -5.17 23.10 9.09
C MET A 299 -5.04 23.80 7.75
N ASP A 300 -4.06 24.69 7.62
CA ASP A 300 -3.86 25.36 6.34
C ASP A 300 -3.53 24.36 5.23
N LEU A 301 -2.66 23.38 5.52
CA LEU A 301 -2.32 22.38 4.51
C LEU A 301 -3.53 21.55 4.11
N THR A 302 -4.35 21.14 5.08
CA THR A 302 -5.55 20.36 4.79
C THR A 302 -6.45 21.10 3.81
N GLU A 303 -6.72 22.39 4.08
CA GLU A 303 -7.54 23.21 3.20
C GLU A 303 -6.92 23.30 1.80
N GLU A 304 -5.62 23.52 1.72
CA GLU A 304 -4.97 23.66 0.42
CA GLU A 304 -4.97 23.67 0.42
C GLU A 304 -5.00 22.36 -0.37
N LEU A 305 -4.66 21.25 0.28
CA LEU A 305 -4.67 19.95 -0.40
C LEU A 305 -6.06 19.56 -0.87
N ILE A 306 -7.06 19.61 0.03
CA ILE A 306 -8.38 19.09 -0.31
C ILE A 306 -9.06 19.99 -1.34
N SER A 307 -9.03 21.30 -1.13
CA SER A 307 -9.66 22.20 -2.09
C SER A 307 -8.97 22.13 -3.45
N GLY A 308 -7.64 22.04 -3.48
CA GLY A 308 -6.97 21.80 -4.75
C GLY A 308 -7.45 20.52 -5.42
N LEU A 309 -7.57 19.45 -4.64
CA LEU A 309 -8.01 18.18 -5.22
C LEU A 309 -9.46 18.25 -5.69
N VAL A 310 -10.34 18.87 -4.90
CA VAL A 310 -11.72 19.08 -5.33
C VAL A 310 -11.78 19.89 -6.62
N LEU A 311 -11.01 20.98 -6.68
CA LEU A 311 -10.96 21.78 -7.90
C LEU A 311 -10.48 20.94 -9.08
N GLU A 312 -9.44 20.13 -8.87
CA GLU A 312 -8.90 19.29 -9.93
C GLU A 312 -9.95 18.36 -10.50
N ILE A 313 -10.75 17.73 -9.63
CA ILE A 313 -11.73 16.75 -10.10
C ILE A 313 -12.96 17.44 -10.68
N HIS A 314 -13.45 18.51 -10.03
CA HIS A 314 -14.77 19.07 -10.31
C HIS A 314 -14.78 20.43 -11.01
N GLY A 315 -13.66 21.13 -11.13
CA GLY A 315 -13.69 22.42 -11.80
C GLY A 315 -14.19 23.58 -10.96
N SER A 316 -14.58 23.35 -9.71
CA SER A 316 -14.92 24.42 -8.76
C SER A 316 -14.97 23.79 -7.37
N LEU A 317 -15.25 24.62 -6.37
CA LEU A 317 -15.21 24.17 -4.99
C LEU A 317 -16.58 23.83 -4.42
N LYS A 318 -17.63 23.93 -5.23
CA LYS A 318 -19.01 23.61 -4.85
C LYS A 318 -19.42 22.41 -5.70
N ILE A 319 -19.62 21.28 -5.06
CA ILE A 319 -19.80 20.01 -5.77
C ILE A 319 -21.10 19.39 -5.29
N PRO A 320 -21.71 18.55 -6.14
CA PRO A 320 -23.01 17.97 -5.79
C PRO A 320 -22.82 16.74 -4.94
N TYR A 321 -23.85 16.43 -4.15
CA TYR A 321 -23.83 15.21 -3.35
C TYR A 321 -25.26 14.70 -3.19
N HIS A 322 -25.45 13.39 -3.31
CA HIS A 322 -26.76 12.77 -3.13
C HIS A 322 -26.76 11.99 -1.83
N PRO A 323 -27.19 12.60 -0.72
CA PRO A 323 -27.06 11.93 0.58
C PRO A 323 -27.94 10.70 0.74
N ASP A 324 -28.93 10.50 -0.13
CA ASP A 324 -29.81 9.35 -0.05
C ASP A 324 -29.85 8.61 -1.39
N GLY A 325 -28.72 8.52 -2.08
CA GLY A 325 -28.66 7.88 -3.38
C GLY A 325 -29.15 8.79 -4.50
N PRO A 326 -28.94 8.37 -5.75
CA PRO A 326 -29.25 9.26 -6.89
C PRO A 326 -30.72 9.32 -7.24
N GLU A 327 -31.57 8.49 -6.64
CA GLU A 327 -33.00 8.70 -6.72
C GLU A 327 -33.48 9.75 -5.73
N GLY A 328 -32.60 10.23 -4.84
CA GLY A 328 -32.95 11.23 -3.85
C GLY A 328 -32.61 12.64 -4.30
N LYS A 329 -32.65 13.56 -3.33
CA LYS A 329 -32.32 14.96 -3.53
C LYS A 329 -30.81 15.16 -3.73
N CYS A 330 -30.47 16.25 -4.42
CA CYS A 330 -29.08 16.61 -4.66
C CYS A 330 -28.76 17.88 -3.88
N ILE A 331 -27.77 17.81 -2.98
CA ILE A 331 -27.31 18.98 -2.25
C ILE A 331 -25.99 19.48 -2.81
N GLU A 332 -25.48 20.58 -2.27
CA GLU A 332 -24.18 21.12 -2.68
C GLU A 332 -23.26 21.18 -1.46
N ILE A 333 -22.03 20.70 -1.61
CA ILE A 333 -20.99 20.84 -0.59
C ILE A 333 -20.05 21.96 -1.03
N ASP A 334 -19.83 22.93 -0.15
CA ASP A 334 -19.02 24.12 -0.45
C ASP A 334 -17.66 23.96 0.23
N PHE A 335 -16.63 23.70 -0.56
CA PHE A 335 -15.27 23.52 -0.06
C PHE A 335 -14.46 24.83 -0.03
N THR A 336 -15.12 25.97 -0.20
CA THR A 336 -14.42 27.25 -0.17
C THR A 336 -13.68 27.43 1.16
N THR A 337 -12.43 27.88 1.09
CA THR A 337 -11.61 28.07 2.28
C THR A 337 -11.56 29.54 2.68
N PRO A 338 -11.27 29.84 3.95
CA PRO A 338 -11.05 28.93 5.08
C PRO A 338 -12.34 28.26 5.57
N TRP A 339 -12.22 27.11 6.24
CA TRP A 339 -13.38 26.37 6.73
C TRP A 339 -13.70 26.76 8.16
N LYS A 340 -14.96 26.60 8.53
CA LYS A 340 -15.43 26.88 9.87
C LYS A 340 -14.67 26.05 10.92
N ARG A 341 -14.38 26.66 12.05
CA ARG A 341 -13.82 25.96 13.21
C ARG A 341 -14.88 25.85 14.29
N PHE A 342 -15.01 24.67 14.88
CA PHE A 342 -15.83 24.47 16.07
C PHE A 342 -14.90 24.03 17.20
N SER A 343 -15.02 24.69 18.35
CA SER A 343 -14.21 24.30 19.49
C SER A 343 -14.96 23.23 20.28
N PHE A 344 -14.31 22.08 20.47
CA PHE A 344 -14.91 20.88 21.04
C PHE A 344 -15.77 21.13 22.27
N VAL A 345 -15.16 21.58 23.37
CA VAL A 345 -15.91 21.71 24.62
C VAL A 345 -16.93 22.84 24.54
N GLU A 346 -16.55 23.96 23.93
CA GLU A 346 -17.46 25.10 23.88
C GLU A 346 -18.74 24.77 23.11
N GLU A 347 -18.62 24.02 22.02
CA GLU A 347 -19.82 23.70 21.24
C GLU A 347 -20.68 22.66 21.93
N ILE A 348 -20.08 21.77 22.73
CA ILE A 348 -20.89 20.88 23.56
C ILE A 348 -21.66 21.69 24.60
N GLU A 349 -20.98 22.63 25.24
CA GLU A 349 -21.63 23.39 26.31
C GLU A 349 -22.72 24.29 25.75
N SER A 350 -22.53 24.81 24.54
CA SER A 350 -23.60 25.55 23.89
C SER A 350 -24.82 24.67 23.60
N GLY A 351 -24.57 23.41 23.22
CA GLY A 351 -25.69 22.49 23.02
C GLY A 351 -26.39 22.14 24.32
N LEU A 352 -25.61 21.94 25.38
CA LEU A 352 -26.18 21.62 26.68
C LEU A 352 -26.78 22.84 27.36
N GLY A 353 -26.30 24.04 27.03
CA GLY A 353 -26.70 25.22 27.76
C GLY A 353 -26.12 25.35 29.15
N GLU A 354 -25.15 24.53 29.50
CA GLU A 354 -24.43 24.68 30.75
C GLU A 354 -23.01 24.17 30.55
N LYS A 355 -22.15 24.46 31.52
CA LYS A 355 -20.76 24.07 31.41
C LYS A 355 -20.55 22.65 31.94
N LEU A 356 -19.60 21.96 31.31
CA LEU A 356 -19.05 20.74 31.89
C LEU A 356 -18.30 21.07 33.17
N LYS A 357 -18.16 20.07 34.03
CA LYS A 357 -17.40 20.24 35.26
C LYS A 357 -15.90 20.09 34.98
N ARG A 358 -15.09 20.73 35.82
CA ARG A 358 -13.64 20.68 35.69
C ARG A 358 -13.00 20.13 36.97
N PRO A 359 -11.93 19.33 36.87
CA PRO A 359 -11.32 18.81 35.62
C PRO A 359 -12.28 17.95 34.82
N LEU A 360 -12.10 17.93 33.49
CA LEU A 360 -13.01 17.19 32.63
C LEU A 360 -13.03 15.70 32.92
N ASP A 361 -11.95 15.16 33.48
CA ASP A 361 -11.90 13.72 33.75
C ASP A 361 -12.18 13.39 35.21
N SER A 362 -12.70 14.35 35.97
CA SER A 362 -13.09 14.08 37.34
C SER A 362 -14.33 13.19 37.40
N GLN A 363 -14.48 12.50 38.54
CA GLN A 363 -15.70 11.72 38.76
C GLN A 363 -16.93 12.62 38.74
N GLU A 364 -16.79 13.87 39.16
CA GLU A 364 -17.93 14.78 39.11
C GLU A 364 -18.36 15.05 37.68
N ASN A 365 -17.42 15.31 36.77
CA ASN A 365 -17.85 15.56 35.39
C ASN A 365 -18.31 14.29 34.70
N ILE A 366 -17.73 13.15 35.06
CA ILE A 366 -18.19 11.87 34.52
C ILE A 366 -19.65 11.64 34.87
N ASP A 367 -20.00 11.81 36.16
CA ASP A 367 -21.39 11.68 36.58
C ASP A 367 -22.29 12.68 35.85
N PHE A 368 -21.85 13.93 35.77
CA PHE A 368 -22.62 14.96 35.08
C PHE A 368 -22.87 14.60 33.62
N MET A 369 -21.81 14.16 32.92
CA MET A 369 -21.95 13.78 31.51
C MET A 369 -22.90 12.60 31.35
N VAL A 370 -22.88 11.66 32.28
CA VAL A 370 -23.86 10.58 32.25
C VAL A 370 -25.27 11.17 32.37
N GLU A 371 -25.46 12.05 33.36
CA GLU A 371 -26.80 12.60 33.50
CA GLU A 371 -26.75 12.70 33.55
C GLU A 371 -27.16 13.50 32.31
N MET A 372 -26.19 14.07 31.60
CA MET A 372 -26.54 14.83 30.40
C MET A 372 -26.90 13.90 29.24
N CYS A 373 -26.22 12.75 29.14
CA CYS A 373 -26.57 11.80 28.09
C CYS A 373 -27.99 11.28 28.26
N GLU A 374 -28.36 10.93 29.49
CA GLU A 374 -29.70 10.42 29.71
C GLU A 374 -30.75 11.51 29.54
N LYS A 375 -30.39 12.75 29.87
CA LYS A 375 -31.32 13.87 29.66
C LYS A 375 -31.60 14.09 28.17
N HIS A 376 -30.57 14.05 27.33
CA HIS A 376 -30.73 14.31 25.90
C HIS A 376 -30.88 13.02 25.10
N GLU A 377 -31.20 11.90 25.75
CA GLU A 377 -31.39 10.60 25.11
C GLU A 377 -30.21 10.23 24.21
N ILE A 378 -29.00 10.36 24.74
CA ILE A 378 -27.80 9.92 24.05
C ILE A 378 -27.40 8.55 24.59
N GLU A 379 -27.22 7.59 23.69
CA GLU A 379 -26.85 6.25 24.10
C GLU A 379 -25.49 6.27 24.80
N LEU A 380 -25.45 5.76 26.03
CA LEU A 380 -24.22 5.78 26.81
C LEU A 380 -23.18 4.88 26.16
N PRO A 381 -21.91 5.25 26.24
CA PRO A 381 -20.84 4.34 25.85
C PRO A 381 -20.53 3.36 26.97
N HIS A 382 -19.78 2.31 26.62
CA HIS A 382 -19.26 1.46 27.67
C HIS A 382 -17.80 1.12 27.38
N PRO A 383 -16.91 1.21 28.39
CA PRO A 383 -17.24 1.71 29.74
C PRO A 383 -17.43 3.23 29.77
N ARG A 384 -17.85 3.78 30.92
CA ARG A 384 -18.17 5.20 31.03
C ARG A 384 -16.92 6.01 31.38
N THR A 385 -15.94 5.99 30.49
CA THR A 385 -14.79 6.85 30.72
C THR A 385 -15.15 8.27 30.33
N ALA A 386 -14.37 9.22 30.85
CA ALA A 386 -14.61 10.61 30.49
C ALA A 386 -14.47 10.81 28.99
N ALA A 387 -13.41 10.23 28.40
CA ALA A 387 -13.15 10.36 26.97
C ALA A 387 -14.32 9.87 26.13
N LYS A 388 -14.85 8.68 26.44
CA LYS A 388 -15.92 8.13 25.61
C LYS A 388 -17.22 8.92 25.76
N LEU A 389 -17.49 9.42 26.97
CA LEU A 389 -18.67 10.27 27.18
C LEU A 389 -18.53 11.61 26.45
N LEU A 390 -17.35 12.23 26.50
CA LEU A 390 -17.11 13.43 25.71
C LEU A 390 -17.32 13.17 24.23
N ASP A 391 -16.88 12.02 23.74
CA ASP A 391 -17.05 11.70 22.33
C ASP A 391 -18.53 11.56 21.97
N LYS A 392 -19.31 10.91 22.84
CA LYS A 392 -20.76 10.79 22.59
C LYS A 392 -21.41 12.15 22.53
N LEU A 393 -21.08 13.01 23.50
CA LEU A 393 -21.65 14.36 23.50
C LEU A 393 -21.25 15.11 22.23
N ALA A 394 -19.99 14.94 21.79
CA ALA A 394 -19.53 15.61 20.57
C ALA A 394 -20.29 15.09 19.35
N GLY A 395 -20.49 13.78 19.26
CA GLY A 395 -21.21 13.25 18.11
C GLY A 395 -22.63 13.77 18.04
N HIS A 396 -23.23 14.08 19.20
CA HIS A 396 -24.62 14.53 19.23
C HIS A 396 -24.73 16.03 18.97
N PHE A 397 -23.87 16.84 19.59
CA PHE A 397 -24.02 18.29 19.55
C PHE A 397 -23.12 19.00 18.54
N VAL A 398 -21.99 18.43 18.18
CA VAL A 398 -20.99 19.14 17.38
C VAL A 398 -20.87 18.57 15.97
N GLU A 399 -20.62 17.25 15.85
CA GLU A 399 -20.44 16.65 14.55
C GLU A 399 -21.67 16.85 13.65
N THR A 400 -22.86 16.94 14.24
CA THR A 400 -24.07 17.17 13.46
C THR A 400 -24.14 18.60 12.91
N LYS A 401 -23.28 19.51 13.35
CA LYS A 401 -23.23 20.84 12.77
C LYS A 401 -22.31 20.93 11.57
N CYS A 402 -21.69 19.83 11.14
CA CYS A 402 -20.59 19.89 10.20
C CYS A 402 -21.07 19.46 8.82
N THR A 403 -21.79 20.36 8.18
CA THR A 403 -22.33 20.07 6.85
C THR A 403 -21.25 20.33 5.80
N ASN A 404 -20.91 21.59 5.59
CA ASN A 404 -19.71 21.91 4.84
C ASN A 404 -18.47 21.49 5.63
N PRO A 405 -17.34 21.24 4.94
CA PRO A 405 -16.11 20.90 5.67
C PRO A 405 -15.89 21.85 6.84
N SER A 406 -15.76 21.28 8.03
CA SER A 406 -15.56 22.03 9.25
C SER A 406 -14.51 21.32 10.10
N PHE A 407 -13.66 22.10 10.76
CA PHE A 407 -12.72 21.55 11.73
C PHE A 407 -13.38 21.54 13.09
N ILE A 408 -13.38 20.39 13.76
CA ILE A 408 -13.62 20.35 15.19
C ILE A 408 -12.25 20.36 15.86
N ILE A 409 -12.03 21.31 16.77
CA ILE A 409 -10.68 21.58 17.26
C ILE A 409 -10.57 21.52 18.79
N ASP A 410 -9.33 21.34 19.25
CA ASP A 410 -8.93 21.54 20.65
C ASP A 410 -9.55 20.49 21.58
N HIS A 411 -9.49 19.23 21.15
CA HIS A 411 -10.05 18.12 21.92
C HIS A 411 -9.39 17.99 23.29
N PRO A 412 -10.16 17.62 24.32
CA PRO A 412 -9.57 17.37 25.65
C PRO A 412 -8.43 16.37 25.60
N GLN A 413 -7.43 16.61 26.47
CA GLN A 413 -6.29 15.70 26.58
C GLN A 413 -6.76 14.28 26.87
N THR A 414 -7.79 14.15 27.71
CA THR A 414 -8.17 12.83 28.20
C THR A 414 -8.64 11.89 27.08
N MET A 415 -9.03 12.43 25.92
CA MET A 415 -9.42 11.62 24.78
C MET A 415 -8.39 11.67 23.66
N SER A 416 -7.25 12.31 23.90
CA SER A 416 -6.20 12.49 22.89
C SER A 416 -4.85 12.15 23.52
N PRO A 417 -4.55 10.87 23.72
CA PRO A 417 -3.32 10.50 24.46
C PRO A 417 -2.03 10.81 23.73
N LEU A 418 -2.05 11.10 22.42
CA LEU A 418 -0.82 11.36 21.68
C LEU A 418 -0.73 12.79 21.16
N ALA A 419 -1.68 13.64 21.53
CA ALA A 419 -1.69 15.03 21.10
C ALA A 419 -1.07 15.92 22.16
N LYS A 420 -0.29 16.90 21.72
CA LYS A 420 0.42 17.79 22.64
C LYS A 420 -0.54 18.74 23.36
N TRP A 421 -0.28 18.98 24.65
CA TRP A 421 -1.14 19.90 25.42
C TRP A 421 -1.26 21.22 24.70
N HIS A 422 -2.44 21.83 24.79
CA HIS A 422 -2.69 23.10 24.09
C HIS A 422 -1.89 24.24 24.72
N ARG A 423 -1.30 25.09 23.88
CA ARG A 423 -0.42 26.13 24.40
C ARG A 423 -1.17 27.22 25.14
N GLU A 424 -2.50 27.27 25.03
CA GLU A 424 -3.27 28.32 25.67
C GLU A 424 -4.41 27.76 26.51
N LYS A 425 -4.99 26.62 26.11
CA LYS A 425 -6.19 26.12 26.78
C LYS A 425 -5.85 24.98 27.73
N PRO A 426 -6.07 25.15 29.04
CA PRO A 426 -5.87 24.04 29.96
C PRO A 426 -6.76 22.85 29.63
N GLU A 427 -6.21 21.66 29.82
CA GLU A 427 -6.90 20.37 29.62
C GLU A 427 -7.16 20.02 28.16
N MET A 428 -6.95 20.94 27.23
CA MET A 428 -7.16 20.63 25.82
C MET A 428 -5.84 20.28 25.14
N THR A 429 -5.92 19.92 23.87
CA THR A 429 -4.76 19.59 23.05
C THR A 429 -4.83 20.35 21.74
N GLU A 430 -3.69 20.39 21.03
CA GLU A 430 -3.64 21.04 19.72
C GLU A 430 -4.03 20.04 18.65
N ARG A 431 -5.33 19.75 18.60
CA ARG A 431 -5.89 18.71 17.76
C ARG A 431 -7.01 19.26 16.89
N PHE A 432 -7.22 18.64 15.73
CA PHE A 432 -8.44 18.87 14.97
C PHE A 432 -8.87 17.59 14.26
N GLU A 433 -10.17 17.50 14.03
CA GLU A 433 -10.76 16.55 13.10
C GLU A 433 -11.46 17.35 12.02
N LEU A 434 -11.31 16.90 10.79
CA LEU A 434 -12.07 17.44 9.68
C LEU A 434 -13.34 16.61 9.48
N PHE A 435 -14.51 17.27 9.44
CA PHE A 435 -15.79 16.62 9.21
C PHE A 435 -16.45 17.20 7.97
N VAL A 436 -17.04 16.34 7.16
CA VAL A 436 -17.85 16.72 6.00
C VAL A 436 -19.17 15.98 6.10
N LEU A 437 -20.27 16.72 6.01
CA LEU A 437 -21.61 16.14 6.13
C LEU A 437 -21.71 15.20 7.33
N GLY A 438 -21.13 15.62 8.46
CA GLY A 438 -21.16 14.86 9.68
C GLY A 438 -20.31 13.60 9.69
N LYS A 439 -19.46 13.40 8.69
CA LYS A 439 -18.57 12.25 8.64
C LYS A 439 -17.12 12.70 8.83
N GLU A 440 -16.36 11.93 9.61
CA GLU A 440 -14.97 12.31 9.87
C GLU A 440 -14.07 11.94 8.71
N LEU A 441 -13.31 12.92 8.21
CA LEU A 441 -12.34 12.73 7.12
C LEU A 441 -10.87 12.67 7.58
N CYS A 442 -10.46 13.53 8.51
CA CYS A 442 -9.06 13.68 8.93
C CYS A 442 -9.00 13.77 10.44
N ASN A 443 -7.86 13.34 10.98
CA ASN A 443 -7.52 13.47 12.39
C ASN A 443 -6.08 13.93 12.43
N ALA A 444 -5.78 14.98 13.22
CA ALA A 444 -4.43 15.55 13.16
C ALA A 444 -4.11 16.33 14.45
N TYR A 445 -2.81 16.45 14.75
CA TYR A 445 -2.44 17.29 15.87
C TYR A 445 -0.97 17.69 15.85
N THR A 446 -0.66 18.74 16.63
CA THR A 446 0.68 18.92 17.15
C THR A 446 1.06 17.71 18.00
N GLU A 447 2.20 17.09 17.69
CA GLU A 447 2.53 15.79 18.26
C GLU A 447 3.06 15.95 19.68
N LEU A 448 2.56 15.11 20.59
CA LEU A 448 3.14 15.08 21.93
C LEU A 448 4.56 14.54 21.84
N ASN A 449 5.53 15.34 22.27
CA ASN A 449 6.93 14.93 22.20
C ASN A 449 7.60 14.97 23.57
N GLU A 450 6.81 14.94 24.65
CA GLU A 450 7.35 15.01 26.00
C GLU A 450 7.17 13.66 26.66
N PRO A 451 8.24 12.92 27.00
CA PRO A 451 8.10 11.51 27.34
C PRO A 451 7.40 11.25 28.67
N LEU A 452 7.54 12.13 29.67
CA LEU A 452 6.87 11.90 30.94
C LEU A 452 5.36 11.90 30.77
N GLN A 453 4.82 12.97 30.20
CA GLN A 453 3.38 13.01 29.91
C GLN A 453 2.96 11.86 29.01
N GLN A 454 3.74 11.58 27.97
CA GLN A 454 3.35 10.51 27.06
C GLN A 454 3.20 9.20 27.83
N ARG A 455 4.17 8.89 28.69
CA ARG A 455 4.05 7.70 29.52
C ARG A 455 2.80 7.75 30.37
N LYS A 456 2.52 8.90 30.99
CA LYS A 456 1.33 9.00 31.86
C LYS A 456 0.04 8.71 31.09
N PHE A 457 -0.08 9.27 29.89
CA PHE A 457 -1.29 9.05 29.09
C PHE A 457 -1.37 7.61 28.60
N PHE A 458 -0.22 6.96 28.36
CA PHE A 458 -0.23 5.54 28.01
C PHE A 458 -0.76 4.70 29.16
N GLU A 459 -0.41 5.07 30.39
CA GLU A 459 -0.90 4.35 31.56
C GLU A 459 -2.41 4.50 31.70
N GLN A 460 -2.93 5.70 31.45
CA GLN A 460 -4.39 5.90 31.48
C GLN A 460 -5.08 5.10 30.39
N GLN A 461 -4.49 5.05 29.19
CA GLN A 461 -5.01 4.16 28.14
C GLN A 461 -5.04 2.71 28.60
N ALA A 462 -3.93 2.21 29.14
CA ALA A 462 -3.89 0.83 29.61
C ALA A 462 -4.96 0.58 30.67
N ASP A 463 -5.21 1.58 31.53
CA ASP A 463 -6.23 1.43 32.56
C ASP A 463 -7.63 1.28 31.95
N ALA A 464 -7.93 2.10 30.93
CA ALA A 464 -9.22 2.02 30.26
C ALA A 464 -9.41 0.67 29.59
N LYS A 465 -8.38 0.18 28.90
CA LYS A 465 -8.44 -1.14 28.28
C LYS A 465 -8.73 -2.22 29.32
N ALA A 466 -8.00 -2.21 30.42
CA ALA A 466 -8.27 -3.16 31.50
C ALA A 466 -9.68 -3.01 32.06
N SER A 467 -10.28 -1.82 31.93
CA SER A 467 -11.65 -1.61 32.39
CA SER A 467 -11.65 -1.61 32.39
C SER A 467 -12.68 -1.96 31.32
N GLY A 468 -12.26 -2.53 30.20
CA GLY A 468 -13.18 -2.97 29.19
C GLY A 468 -13.32 -2.07 27.99
N ASP A 469 -12.51 -1.01 27.90
CA ASP A 469 -12.49 -0.17 26.71
C ASP A 469 -11.69 -0.89 25.62
N VAL A 470 -12.38 -1.61 24.74
CA VAL A 470 -11.71 -2.34 23.67
C VAL A 470 -11.03 -1.43 22.65
N GLU A 471 -11.23 -0.12 22.75
CA GLU A 471 -10.61 0.83 21.84
C GLU A 471 -9.42 1.56 22.46
N ALA A 472 -9.07 1.28 23.71
CA ALA A 472 -7.87 1.81 24.31
C ALA A 472 -6.69 0.89 24.06
N CYS A 473 -5.47 1.49 23.94
CA CYS A 473 -4.24 0.83 23.55
C CYS A 473 -3.34 0.58 24.74
N PRO A 474 -2.50 -0.46 24.68
CA PRO A 474 -1.52 -0.71 25.74
C PRO A 474 -0.37 0.29 25.67
N ILE A 475 0.44 0.27 26.73
CA ILE A 475 1.67 1.05 26.77
C ILE A 475 2.66 0.48 25.77
N ASP A 476 3.26 1.34 24.96
CA ASP A 476 4.31 0.92 24.03
C ASP A 476 5.64 1.46 24.55
N GLU A 477 6.40 0.59 25.24
CA GLU A 477 7.69 0.99 25.78
C GLU A 477 8.68 1.36 24.69
N THR A 478 8.68 0.65 23.56
CA THR A 478 9.59 1.02 22.49
C THR A 478 9.34 2.46 22.04
N PHE A 479 8.08 2.89 22.04
CA PHE A 479 7.79 4.26 21.59
C PHE A 479 8.25 5.28 22.62
N CYS A 480 8.02 5.02 23.91
CA CYS A 480 8.52 5.92 24.95
C CYS A 480 10.04 6.06 24.86
N LEU A 481 10.75 4.97 24.57
CA LEU A 481 12.21 5.04 24.43
C LEU A 481 12.60 5.94 23.26
N ALA A 482 11.84 5.88 22.16
CA ALA A 482 12.10 6.73 21.01
C ALA A 482 11.94 8.21 21.35
N LEU A 483 10.87 8.55 22.08
CA LEU A 483 10.69 9.96 22.49
C LEU A 483 11.86 10.43 23.36
N GLU A 484 12.47 9.52 24.14
CA GLU A 484 13.61 9.89 24.97
C GLU A 484 14.85 10.18 24.15
N HIS A 485 14.86 9.83 22.87
CA HIS A 485 15.95 10.27 22.01
C HIS A 485 15.65 11.59 21.33
N GLY A 486 14.48 12.17 21.58
CA GLY A 486 14.18 13.51 21.15
C GLY A 486 13.42 13.58 19.85
N LEU A 487 12.10 13.64 19.95
CA LEU A 487 11.25 13.94 18.80
C LEU A 487 11.20 15.45 18.60
N PRO A 488 11.69 15.99 17.49
CA PRO A 488 11.53 17.42 17.22
C PRO A 488 10.08 17.83 17.33
N PRO A 489 9.80 19.11 17.60
CA PRO A 489 8.44 19.62 17.40
C PRO A 489 7.96 19.18 16.03
N THR A 490 6.75 18.59 15.98
CA THR A 490 6.27 17.89 14.79
C THR A 490 4.75 17.98 14.67
N GLY A 491 4.27 17.99 13.43
CA GLY A 491 2.85 18.00 13.13
C GLY A 491 2.46 16.76 12.37
N GLY A 492 1.40 16.07 12.79
CA GLY A 492 0.98 14.85 12.14
C GLY A 492 -0.51 14.84 11.82
N TRP A 493 -0.88 13.94 10.93
CA TRP A 493 -2.15 14.05 10.23
C TRP A 493 -2.51 12.72 9.60
N GLY A 494 -3.78 12.36 9.67
CA GLY A 494 -4.27 11.16 9.03
C GLY A 494 -5.57 11.45 8.29
N LEU A 495 -5.72 10.82 7.14
CA LEU A 495 -6.89 11.01 6.29
C LEU A 495 -7.45 9.67 5.83
N GLY A 496 -8.78 9.56 5.86
CA GLY A 496 -9.45 8.39 5.32
C GLY A 496 -9.64 8.49 3.82
N ILE A 497 -8.80 7.81 3.05
CA ILE A 497 -8.88 7.89 1.59
C ILE A 497 -10.26 7.45 1.08
N ASP A 498 -10.75 6.31 1.56
CA ASP A 498 -12.04 5.81 1.07
C ASP A 498 -13.15 6.85 1.28
N ARG A 499 -13.20 7.44 2.47
CA ARG A 499 -14.26 8.42 2.73
C ARG A 499 -14.09 9.65 1.86
N LEU A 500 -12.84 10.03 1.55
CA LEU A 500 -12.62 11.12 0.61
C LEU A 500 -13.23 10.79 -0.76
N ILE A 501 -13.02 9.55 -1.23
CA ILE A 501 -13.56 9.16 -2.53
C ILE A 501 -15.09 9.20 -2.52
N MET A 502 -15.71 8.76 -1.44
CA MET A 502 -17.17 8.82 -1.32
C MET A 502 -17.67 10.20 -1.67
N PHE A 503 -17.03 11.25 -1.14
CA PHE A 503 -17.47 12.60 -1.43
C PHE A 503 -17.09 13.03 -2.85
N LEU A 504 -15.86 12.72 -3.29
CA LEU A 504 -15.43 13.14 -4.61
C LEU A 504 -16.26 12.51 -5.71
N ALA A 505 -16.59 11.23 -5.56
CA ALA A 505 -17.38 10.50 -6.55
C ALA A 505 -18.87 10.46 -6.26
N ASP A 506 -19.33 11.12 -5.20
CA ASP A 506 -20.76 11.19 -4.85
C ASP A 506 -21.35 9.80 -4.57
N LYS A 507 -20.80 9.13 -3.57
CA LYS A 507 -21.33 7.86 -3.10
C LYS A 507 -21.65 7.99 -1.62
N ASN A 508 -22.76 7.42 -1.18
CA ASN A 508 -23.09 7.48 0.24
C ASN A 508 -22.84 6.16 0.94
N ASN A 509 -22.24 5.20 0.25
CA ASN A 509 -21.97 3.88 0.80
C ASN A 509 -20.50 3.55 0.51
N ILE A 510 -19.74 3.27 1.56
CA ILE A 510 -18.31 3.01 1.37
C ILE A 510 -18.08 1.78 0.51
N LYS A 511 -19.04 0.86 0.46
CA LYS A 511 -18.90 -0.32 -0.38
C LYS A 511 -18.80 0.02 -1.86
N GLU A 512 -19.21 1.24 -2.23
CA GLU A 512 -19.10 1.69 -3.62
C GLU A 512 -17.67 2.05 -4.01
N VAL A 513 -16.80 2.37 -3.06
CA VAL A 513 -15.47 2.86 -3.37
C VAL A 513 -14.38 1.88 -3.01
N ILE A 514 -14.75 0.70 -2.53
CA ILE A 514 -13.81 -0.40 -2.27
C ILE A 514 -14.19 -1.56 -3.18
N LEU A 515 -13.19 -2.12 -3.89
CA LEU A 515 -13.49 -3.12 -4.92
C LEU A 515 -14.17 -4.35 -4.33
N PHE A 516 -13.66 -4.86 -3.22
CA PHE A 516 -14.18 -6.07 -2.58
C PHE A 516 -14.47 -5.76 -1.11
N PRO A 517 -15.55 -5.04 -0.83
CA PRO A 517 -15.86 -4.68 0.57
C PRO A 517 -16.31 -5.90 1.36
N ALA A 518 -16.14 -5.82 2.67
CA ALA A 518 -16.57 -6.90 3.55
C ALA A 518 -18.09 -7.01 3.56
N MET A 519 -18.58 -8.25 3.55
CA MET A 519 -20.01 -8.51 3.56
C MET A 519 -20.33 -9.52 4.67
N ARG A 520 -21.54 -9.41 5.21
CA ARG A 520 -22.02 -10.34 6.23
C ARG A 520 -22.39 -11.68 5.60
N ASN A 521 -22.87 -12.60 6.44
CA ASN A 521 -23.43 -13.89 6.01
C ASN A 521 -22.47 -14.71 5.12
N SER B 21 20.93 4.01 34.32
CA SER B 21 21.71 5.06 33.67
C SER B 21 21.56 6.41 34.38
N HIS B 22 22.63 6.86 35.04
CA HIS B 22 22.59 8.14 35.73
C HIS B 22 22.36 9.30 34.76
N TYR B 23 22.86 9.19 33.53
CA TYR B 23 22.71 10.29 32.59
C TYR B 23 21.24 10.54 32.26
N THR B 24 20.47 9.48 32.04
CA THR B 24 19.06 9.62 31.72
C THR B 24 18.30 10.23 32.89
N ASP B 25 18.48 9.69 34.09
CA ASP B 25 17.81 10.24 35.26
C ASP B 25 18.17 11.70 35.47
N ASN B 26 19.44 12.06 35.27
CA ASN B 26 19.86 13.44 35.47
C ASN B 26 19.18 14.37 34.48
N ARG B 27 18.95 13.90 33.24
CA ARG B 27 18.34 14.77 32.25
C ARG B 27 16.88 15.03 32.57
N TYR B 28 16.17 14.03 33.09
CA TYR B 28 14.83 14.27 33.59
C TYR B 28 14.85 15.32 34.70
N LYS B 29 15.84 15.26 35.59
CA LYS B 29 15.95 16.24 36.67
C LYS B 29 16.26 17.63 36.13
N MET B 30 17.01 17.75 35.04
CA MET B 30 17.24 19.06 34.47
CA MET B 30 17.24 19.05 34.45
C MET B 30 15.95 19.63 33.87
N MET B 31 15.17 18.79 33.17
CA MET B 31 13.96 19.28 32.53
C MET B 31 12.90 19.69 33.55
N GLU B 32 12.87 19.05 34.72
CA GLU B 32 11.97 19.52 35.77
C GLU B 32 12.43 20.88 36.31
N CYS B 33 13.73 21.03 36.56
CA CYS B 33 14.26 22.31 37.02
CA CYS B 33 14.28 22.30 37.00
C CYS B 33 13.97 23.40 36.00
N ILE B 34 14.12 23.10 34.70
CA ILE B 34 13.80 24.06 33.66
C ILE B 34 12.32 24.44 33.74
N LYS B 35 11.44 23.44 33.81
CA LYS B 35 10.01 23.73 33.83
C LYS B 35 9.63 24.56 35.05
N ASP B 36 10.27 24.29 36.18
CA ASP B 36 9.89 24.94 37.42
C ASP B 36 10.49 26.33 37.56
N ALA B 37 11.46 26.68 36.74
CA ALA B 37 11.98 28.04 36.71
C ALA B 37 11.27 28.90 35.68
N GLY B 38 10.22 28.39 35.05
CA GLY B 38 9.52 29.08 33.99
C GLY B 38 10.28 29.17 32.69
N ARG B 39 11.39 28.48 32.55
CA ARG B 39 12.22 28.60 31.37
C ARG B 39 11.63 27.73 30.25
N PRO B 40 12.05 27.95 29.00
CA PRO B 40 11.44 27.22 27.87
C PRO B 40 11.41 25.72 28.04
N PHE B 41 10.21 25.14 27.95
CA PHE B 41 9.97 23.72 28.20
C PHE B 41 9.17 23.17 27.02
N TYR B 42 9.86 22.51 26.10
CA TYR B 42 9.23 21.89 24.94
C TYR B 42 8.35 22.87 24.15
N PRO B 43 8.95 23.92 23.58
CA PRO B 43 8.15 24.90 22.83
C PRO B 43 7.30 24.25 21.74
N HIS B 44 6.06 24.71 21.62
CA HIS B 44 5.13 24.09 20.67
C HIS B 44 5.55 24.31 19.23
N LYS B 45 6.05 25.51 18.90
CA LYS B 45 6.36 25.89 17.53
C LYS B 45 7.65 26.68 17.49
N PHE B 46 8.54 26.31 16.58
CA PHE B 46 9.73 27.09 16.27
C PHE B 46 9.73 27.34 14.76
N LYS B 47 9.65 28.61 14.36
CA LYS B 47 9.55 28.98 12.95
C LYS B 47 10.96 29.18 12.40
N ILE B 48 11.40 28.28 11.53
CA ILE B 48 12.73 28.45 10.95
C ILE B 48 12.62 29.50 9.84
N SER B 49 13.70 30.27 9.68
CA SER B 49 13.77 31.19 8.54
C SER B 49 13.89 30.42 7.24
N MET B 50 14.61 29.31 7.26
CA MET B 50 14.83 28.49 6.07
C MET B 50 15.45 27.18 6.54
N SER B 51 15.50 26.22 5.62
CA SER B 51 16.12 24.94 5.95
C SER B 51 17.64 25.07 5.94
N LEU B 52 18.30 24.08 6.55
CA LEU B 52 19.75 24.07 6.53
C LEU B 52 20.29 23.86 5.12
N PRO B 53 19.68 22.99 4.28
CA PRO B 53 20.06 22.98 2.87
C PRO B 53 19.90 24.33 2.18
N ALA B 54 18.81 25.05 2.48
CA ALA B 54 18.63 26.35 1.86
C ALA B 54 19.65 27.36 2.38
N TYR B 55 20.01 27.26 3.66
CA TYR B 55 21.02 28.15 4.22
C TYR B 55 22.38 27.89 3.60
N ALA B 56 22.72 26.60 3.39
CA ALA B 56 24.01 26.27 2.79
C ALA B 56 24.10 26.82 1.36
N LEU B 57 22.99 26.75 0.64
CA LEU B 57 22.97 27.21 -0.74
C LEU B 57 23.17 28.72 -0.81
N LYS B 58 22.57 29.47 0.11
CA LYS B 58 22.57 30.92 -0.01
C LYS B 58 23.90 31.54 0.45
N TYR B 59 24.52 30.96 1.48
CA TYR B 59 25.69 31.58 2.10
C TYR B 59 26.97 30.77 1.95
N GLY B 60 26.92 29.56 1.40
CA GLY B 60 28.11 28.72 1.31
C GLY B 60 29.21 29.29 0.45
N ASN B 61 28.93 30.33 -0.33
CA ASN B 61 29.93 30.89 -1.23
C ASN B 61 30.51 32.21 -0.75
N VAL B 62 30.00 32.77 0.35
CA VAL B 62 30.51 34.07 0.80
C VAL B 62 31.99 33.93 1.19
N GLU B 63 32.69 35.07 1.16
CA GLU B 63 34.10 35.10 1.51
C GLU B 63 34.30 34.66 2.96
N ASN B 64 35.53 34.23 3.27
CA ASN B 64 35.83 33.83 4.64
C ASN B 64 35.71 35.03 5.57
N GLY B 65 35.24 34.77 6.78
CA GLY B 65 35.06 35.82 7.76
C GLY B 65 33.88 36.73 7.53
N TYR B 66 33.11 36.52 6.47
CA TYR B 66 31.98 37.39 6.17
C TYR B 66 30.87 37.20 7.20
N ILE B 67 30.21 38.31 7.55
CA ILE B 67 29.07 38.26 8.45
C ILE B 67 28.13 39.40 8.08
N ASP B 68 26.83 39.12 8.14
CA ASP B 68 25.78 40.08 7.82
C ASP B 68 25.01 40.34 9.11
N LYS B 69 25.44 41.33 9.87
CA LYS B 69 24.74 41.67 11.12
C LYS B 69 23.41 42.35 10.87
N ASP B 70 23.06 42.64 9.61
CA ASP B 70 21.77 43.21 9.28
C ASP B 70 20.70 42.16 9.01
N THR B 71 21.05 40.88 9.04
CA THR B 71 20.11 39.81 8.76
C THR B 71 20.09 38.88 9.95
N THR B 72 18.91 38.67 10.52
CA THR B 72 18.74 37.75 11.64
C THR B 72 17.92 36.55 11.15
N LEU B 73 18.43 35.35 11.38
CA LEU B 73 17.79 34.14 10.91
C LEU B 73 17.62 33.17 12.06
N SER B 74 16.60 32.32 11.95
CA SER B 74 16.36 31.24 12.88
C SER B 74 16.61 29.91 12.16
N LEU B 75 17.42 29.07 12.77
CA LEU B 75 17.74 27.76 12.24
C LEU B 75 17.53 26.72 13.33
N SER B 76 17.28 25.48 12.92
CA SER B 76 17.10 24.39 13.87
C SER B 76 17.67 23.09 13.30
N GLY B 77 18.23 22.28 14.19
CA GLY B 77 18.59 20.92 13.84
C GLY B 77 18.92 20.13 15.09
N ARG B 78 19.51 18.95 14.90
CA ARG B 78 19.98 18.15 16.03
C ARG B 78 21.45 18.45 16.27
N VAL B 79 21.81 18.61 17.54
CA VAL B 79 23.19 18.90 17.91
C VAL B 79 24.04 17.63 17.72
N THR B 80 25.10 17.74 16.93
CA THR B 80 26.01 16.63 16.72
C THR B 80 27.36 16.84 17.37
N SER B 81 27.64 18.05 17.87
CA SER B 81 28.93 18.33 18.47
C SER B 81 28.86 19.62 19.27
N ILE B 82 29.48 19.62 20.44
CA ILE B 82 29.57 20.79 21.31
C ILE B 82 31.02 20.94 21.74
N ARG B 83 31.62 22.07 21.41
CA ARG B 83 32.98 22.40 21.86
C ARG B 83 32.92 23.73 22.59
N SER B 84 33.08 23.70 23.92
CA SER B 84 33.14 24.93 24.71
C SER B 84 34.60 25.33 24.82
N SER B 85 35.06 26.11 23.83
CA SER B 85 36.49 26.40 23.72
C SER B 85 36.97 27.36 24.80
N SER B 86 36.09 28.20 25.33
CA SER B 86 36.44 29.09 26.43
C SER B 86 35.18 29.39 27.22
N SER B 87 35.34 30.17 28.29
CA SER B 87 34.18 30.64 29.04
C SER B 87 33.30 31.58 28.23
N LYS B 88 33.80 32.09 27.11
CA LYS B 88 33.08 33.10 26.34
C LYS B 88 32.62 32.62 24.97
N LEU B 89 33.06 31.44 24.52
CA LEU B 89 32.85 31.03 23.13
C LEU B 89 32.57 29.54 23.08
N ILE B 90 31.48 29.17 22.41
CA ILE B 90 31.01 27.79 22.29
C ILE B 90 30.68 27.52 20.83
N PHE B 91 31.19 26.41 20.29
CA PHE B 91 30.93 26.00 18.92
C PHE B 91 30.01 24.79 18.93
N TYR B 92 28.96 24.85 18.11
CA TYR B 92 28.03 23.76 17.86
C TYR B 92 28.05 23.35 16.39
N ASP B 93 27.84 22.08 16.16
CA ASP B 93 27.36 21.59 14.87
C ASP B 93 25.93 21.12 15.04
N ILE B 94 25.04 21.60 14.17
CA ILE B 94 23.68 21.10 14.07
C ILE B 94 23.50 20.49 12.69
N PHE B 95 22.59 19.51 12.61
CA PHE B 95 22.42 18.71 11.41
C PHE B 95 20.93 18.52 11.16
N CYS B 96 20.51 18.76 9.92
CA CYS B 96 19.10 18.64 9.57
C CYS B 96 18.99 18.53 8.07
N GLU B 97 18.08 17.66 7.61
CA GLU B 97 17.83 17.41 6.18
C GLU B 97 19.12 17.25 5.39
N GLU B 98 20.01 16.39 5.93
CA GLU B 98 21.27 15.99 5.32
C GLU B 98 22.32 17.10 5.30
N GLN B 99 22.14 18.18 6.04
CA GLN B 99 23.07 19.31 5.95
C GLN B 99 23.52 19.73 7.35
N LYS B 100 24.83 19.92 7.50
CA LYS B 100 25.43 20.35 8.75
C LYS B 100 25.72 21.85 8.70
N VAL B 101 25.49 22.54 9.82
CA VAL B 101 25.86 23.95 9.97
C VAL B 101 26.51 24.14 11.32
N GLN B 102 27.57 24.96 11.35
CA GLN B 102 28.23 25.34 12.59
C GLN B 102 27.58 26.57 13.21
N ILE B 103 27.39 26.54 14.52
CA ILE B 103 26.91 27.70 15.28
C ILE B 103 28.04 28.21 16.16
N ILE B 104 28.31 29.51 16.07
CA ILE B 104 29.33 30.16 16.88
C ILE B 104 28.62 31.06 17.90
N ALA B 105 28.65 30.65 19.17
CA ALA B 105 27.91 31.34 20.23
C ALA B 105 28.90 32.13 21.08
N ASN B 106 28.97 33.45 20.83
CA ASN B 106 29.85 34.35 21.55
C ASN B 106 29.06 35.06 22.63
N ILE B 107 29.61 35.09 23.85
CA ILE B 107 28.90 35.70 24.97
C ILE B 107 28.57 37.17 24.70
N MET B 108 29.44 37.86 23.96
CA MET B 108 29.18 39.26 23.64
C MET B 108 27.96 39.46 22.74
N GLU B 109 27.44 38.41 22.10
CA GLU B 109 26.25 38.55 21.26
C GLU B 109 24.99 38.01 21.94
N HIS B 110 25.09 37.53 23.17
CA HIS B 110 24.01 36.74 23.75
C HIS B 110 22.85 37.64 24.14
N ASP B 111 21.65 37.24 23.78
CA ASP B 111 20.43 37.93 24.20
C ASP B 111 20.16 37.53 25.65
N ILE B 112 20.52 38.41 26.58
CA ILE B 112 20.36 38.08 27.99
C ILE B 112 18.91 38.04 28.42
N SER B 113 17.99 38.52 27.58
CA SER B 113 16.57 38.35 27.88
C SER B 113 16.13 36.90 27.83
N THR B 114 16.94 36.00 27.25
CA THR B 114 16.64 34.58 27.21
C THR B 114 17.36 33.80 28.31
N GLY B 115 18.02 34.50 29.22
CA GLY B 115 18.84 33.88 30.24
C GLY B 115 20.29 34.33 30.14
N GLU B 116 21.03 34.27 31.25
CA GLU B 116 22.45 34.52 31.17
C GLU B 116 23.10 33.49 30.25
N PHE B 117 24.15 33.92 29.56
CA PHE B 117 24.82 33.10 28.56
C PHE B 117 25.16 31.72 29.11
N SER B 118 25.77 31.65 30.29
CA SER B 118 26.15 30.38 30.86
C SER B 118 24.94 29.52 31.21
N VAL B 119 23.84 30.14 31.65
CA VAL B 119 22.65 29.38 32.00
C VAL B 119 21.99 28.80 30.76
N SER B 120 21.86 29.62 29.70
CA SER B 120 21.23 29.15 28.46
C SER B 120 21.98 27.96 27.87
N HIS B 121 23.31 28.00 27.86
CA HIS B 121 24.02 26.90 27.21
C HIS B 121 24.23 25.70 28.13
N SER B 122 24.15 25.88 29.45
CA SER B 122 24.25 24.73 30.35
C SER B 122 23.11 23.74 30.13
N GLU B 123 22.04 24.14 29.45
CA GLU B 123 20.87 23.31 29.24
C GLU B 123 20.97 22.44 28.00
N ILE B 124 21.96 22.64 27.15
CA ILE B 124 22.05 21.95 25.86
C ILE B 124 23.06 20.81 25.96
N ARG B 125 22.73 19.68 25.34
CA ARG B 125 23.62 18.53 25.26
C ARG B 125 23.68 18.03 23.83
N ARG B 126 24.74 17.28 23.54
CA ARG B 126 24.84 16.63 22.23
C ARG B 126 23.64 15.70 22.03
N GLY B 127 23.10 15.71 20.83
CA GLY B 127 21.90 14.96 20.50
C GLY B 127 20.60 15.70 20.71
N ASP B 128 20.59 16.82 21.46
CA ASP B 128 19.38 17.60 21.60
C ASP B 128 18.93 18.18 20.26
N VAL B 129 17.62 18.34 20.09
CA VAL B 129 17.06 19.13 18.99
C VAL B 129 16.89 20.56 19.48
N VAL B 130 17.51 21.52 18.78
CA VAL B 130 17.56 22.88 19.28
C VAL B 130 17.27 23.84 18.14
N GLY B 131 16.93 25.07 18.52
CA GLY B 131 16.89 26.18 17.59
C GLY B 131 17.87 27.26 18.01
N PHE B 132 18.34 28.02 17.02
CA PHE B 132 19.24 29.16 17.22
C PHE B 132 18.75 30.34 16.41
N THR B 133 19.06 31.54 16.88
CA THR B 133 18.82 32.76 16.13
CA THR B 133 18.82 32.76 16.13
C THR B 133 20.13 33.54 16.06
N GLY B 134 20.43 34.07 14.88
CA GLY B 134 21.67 34.81 14.75
C GLY B 134 21.92 35.30 13.34
N PHE B 135 23.15 35.73 13.10
CA PHE B 135 23.68 36.36 11.91
C PHE B 135 24.37 35.34 11.01
N PRO B 136 24.14 35.41 9.71
CA PRO B 136 24.69 34.43 8.78
C PRO B 136 26.09 34.82 8.32
N GLY B 137 26.87 33.80 7.98
CA GLY B 137 28.17 34.09 7.37
C GLY B 137 29.12 32.89 7.41
N LYS B 138 30.41 33.19 7.52
CA LYS B 138 31.47 32.20 7.49
C LYS B 138 32.54 32.57 8.50
N SER B 139 33.02 31.59 9.25
CA SER B 139 34.12 31.83 10.18
C SER B 139 35.37 32.26 9.42
N LYS B 140 36.31 32.88 10.15
CA LYS B 140 37.58 33.23 9.52
C LYS B 140 38.26 32.00 8.95
N ARG B 141 38.13 30.86 9.62
CA ARG B 141 38.65 29.61 9.09
C ARG B 141 37.88 29.12 7.88
N GLY B 142 36.74 29.72 7.56
CA GLY B 142 36.02 29.39 6.34
C GLY B 142 34.91 28.38 6.48
N GLU B 143 34.35 28.21 7.68
CA GLU B 143 33.24 27.30 7.90
C GLU B 143 31.92 28.06 7.83
N LEU B 144 30.99 27.55 7.02
CA LEU B 144 29.64 28.06 7.03
C LEU B 144 29.08 28.05 8.44
N SER B 145 28.69 29.22 8.94
CA SER B 145 28.32 29.35 10.34
C SER B 145 27.12 30.26 10.49
N LEU B 146 26.43 30.09 11.62
CA LEU B 146 25.54 31.08 12.17
C LEU B 146 26.17 31.62 13.44
N PHE B 147 26.31 32.94 13.51
CA PHE B 147 26.82 33.60 14.72
C PHE B 147 25.60 33.93 15.58
N SER B 148 25.36 33.10 16.60
CA SER B 148 24.06 33.08 17.25
C SER B 148 23.92 34.12 18.34
N LYS B 149 22.69 34.55 18.58
CA LYS B 149 22.33 35.43 19.69
C LYS B 149 21.49 34.72 20.74
N SER B 150 20.94 33.56 20.42
CA SER B 150 20.08 32.85 21.36
C SER B 150 20.14 31.38 21.01
N VAL B 151 19.72 30.57 21.98
CA VAL B 151 19.55 29.13 21.79
C VAL B 151 18.28 28.73 22.53
N VAL B 152 17.50 27.84 21.93
CA VAL B 152 16.28 27.35 22.53
C VAL B 152 16.31 25.82 22.49
N LEU B 153 16.20 25.20 23.65
CA LEU B 153 16.05 23.74 23.71
C LEU B 153 14.66 23.35 23.24
N LEU B 154 14.57 22.60 22.14
CA LEU B 154 13.27 22.19 21.61
C LEU B 154 12.86 20.78 22.06
N SER B 155 13.79 19.82 22.02
CA SER B 155 13.51 18.45 22.44
C SER B 155 14.83 17.78 22.87
N PRO B 156 15.07 17.65 24.17
CA PRO B 156 16.32 17.05 24.63
C PRO B 156 16.39 15.56 24.31
N CYS B 157 17.62 15.08 24.22
CA CYS B 157 17.93 13.67 24.12
C CYS B 157 18.37 13.18 25.50
N TYR B 158 17.71 12.15 26.01
CA TYR B 158 17.95 11.71 27.38
C TYR B 158 19.02 10.62 27.47
N HIS B 159 19.69 10.31 26.37
CA HIS B 159 20.60 9.17 26.31
C HIS B 159 21.90 9.61 25.64
N MET B 160 23.00 9.01 26.09
CA MET B 160 24.30 9.32 25.51
C MET B 160 24.43 8.57 24.18
N LEU B 161 24.65 9.30 23.14
CA LEU B 161 24.72 8.67 21.83
C LEU B 161 26.16 8.33 21.47
N PRO B 162 26.42 7.25 20.75
CA PRO B 162 27.78 7.00 20.28
C PRO B 162 28.11 7.90 19.10
N THR B 163 29.40 7.97 18.79
CA THR B 163 29.83 8.71 17.61
C THR B 163 29.22 8.13 16.33
N ALA B 164 29.13 6.80 16.25
CA ALA B 164 28.73 6.13 15.02
C ALA B 164 28.00 4.84 15.35
N ILE B 165 27.38 4.26 14.32
CA ILE B 165 26.63 3.02 14.43
C ILE B 165 27.41 1.93 15.15
N ASP B 170 25.05 -3.93 20.50
CA ASP B 170 24.99 -4.83 19.34
C ASP B 170 24.65 -4.03 18.10
N GLN B 171 25.00 -4.54 16.92
CA GLN B 171 24.52 -3.93 15.69
C GLN B 171 23.08 -4.32 15.37
N GLU B 172 22.51 -5.25 16.13
CA GLU B 172 21.06 -5.44 16.15
C GLU B 172 20.32 -4.21 16.64
N VAL B 173 21.00 -3.28 17.31
CA VAL B 173 20.36 -2.04 17.73
C VAL B 173 19.84 -1.27 16.53
N ARG B 174 20.56 -1.33 15.41
CA ARG B 174 20.13 -0.63 14.21
C ARG B 174 18.72 -1.02 13.80
N TYR B 175 18.35 -2.29 14.03
CA TYR B 175 17.05 -2.83 13.63
C TYR B 175 15.98 -2.66 14.70
N ARG B 176 16.34 -2.74 15.98
CA ARG B 176 15.36 -2.54 17.05
C ARG B 176 15.14 -1.08 17.38
N GLN B 177 16.12 -0.22 17.10
CA GLN B 177 15.98 1.22 17.29
C GLN B 177 16.40 1.91 15.99
N ARG B 178 15.55 1.75 14.97
CA ARG B 178 15.88 2.21 13.63
C ARG B 178 16.13 3.72 13.62
N TYR B 179 15.51 4.45 14.53
CA TYR B 179 15.73 5.89 14.60
C TYR B 179 17.19 6.23 14.90
N LEU B 180 17.87 5.40 15.72
CA LEU B 180 19.29 5.64 15.97
C LEU B 180 20.11 5.37 14.72
N ASP B 181 19.79 4.29 14.00
CA ASP B 181 20.47 3.99 12.75
C ASP B 181 20.33 5.14 11.77
N LEU B 182 19.12 5.69 11.63
CA LEU B 182 18.90 6.77 10.68
C LEU B 182 19.56 8.06 11.13
N MET B 183 19.43 8.38 12.42
CA MET B 183 20.07 9.55 13.00
C MET B 183 21.58 9.57 12.74
N LEU B 184 22.25 8.43 12.90
CA LEU B 184 23.70 8.39 12.93
C LEU B 184 24.35 7.91 11.63
N ASN B 185 23.64 7.16 10.80
CA ASN B 185 24.28 6.45 9.69
C ASN B 185 23.61 6.87 8.38
N GLU B 186 24.28 7.75 7.65
CA GLU B 186 23.78 8.25 6.36
C GLU B 186 23.46 7.13 5.39
N GLU B 187 24.27 6.05 5.38
CA GLU B 187 24.03 4.96 4.43
CA GLU B 187 24.03 4.96 4.43
C GLU B 187 22.65 4.35 4.64
N SER B 188 22.20 4.25 5.89
CA SER B 188 20.86 3.73 6.13
C SER B 188 19.79 4.65 5.53
N ARG B 189 19.97 5.97 5.65
CA ARG B 189 19.01 6.88 5.01
C ARG B 189 19.03 6.72 3.49
N LYS B 190 20.22 6.51 2.92
CA LYS B 190 20.32 6.36 1.47
C LYS B 190 19.50 5.18 0.97
N VAL B 191 19.46 4.10 1.75
CA VAL B 191 18.77 2.90 1.32
C VAL B 191 17.29 3.16 1.15
N PHE B 192 16.68 3.86 2.11
CA PHE B 192 15.23 4.01 2.05
C PHE B 192 14.81 5.08 1.05
N LYS B 193 15.69 6.03 0.75
CA LYS B 193 15.44 6.92 -0.38
C LYS B 193 15.53 6.15 -1.68
N LEU B 194 16.55 5.30 -1.83
CA LEU B 194 16.65 4.47 -3.02
C LEU B 194 15.41 3.60 -3.18
N ARG B 195 14.93 3.02 -2.08
CA ARG B 195 13.73 2.20 -2.15
C ARG B 195 12.55 2.98 -2.73
N SER B 196 12.34 4.20 -2.24
CA SER B 196 11.29 5.07 -2.77
C SER B 196 11.49 5.35 -4.26
N ARG B 197 12.71 5.75 -4.63
CA ARG B 197 12.99 6.05 -6.03
C ARG B 197 12.67 4.85 -6.92
N ALA B 198 13.01 3.64 -6.47
CA ALA B 198 12.76 2.44 -7.26
C ALA B 198 11.27 2.19 -7.45
N ILE B 199 10.48 2.36 -6.39
CA ILE B 199 9.05 2.13 -6.50
C ILE B 199 8.42 3.19 -7.40
N LYS B 200 8.92 4.43 -7.34
CA LYS B 200 8.43 5.49 -8.23
C LYS B 200 8.65 5.11 -9.69
N TYR B 201 9.87 4.70 -10.01
CA TYR B 201 10.18 4.25 -11.36
C TYR B 201 9.24 3.13 -11.81
N ILE B 202 8.94 2.19 -10.92
CA ILE B 202 8.12 1.06 -11.30
C ILE B 202 6.68 1.49 -11.54
N ARG B 203 6.12 2.29 -10.62
CA ARG B 203 4.79 2.85 -10.86
C ARG B 203 4.75 3.57 -12.18
N ASN B 204 5.77 4.38 -12.48
CA ASN B 204 5.75 5.16 -13.70
C ASN B 204 5.81 4.25 -14.93
N TYR B 205 6.57 3.15 -14.84
CA TYR B 205 6.64 2.23 -15.97
C TYR B 205 5.26 1.70 -16.36
N PHE B 206 4.48 1.29 -15.35
CA PHE B 206 3.18 0.71 -15.63
C PHE B 206 2.12 1.79 -15.91
N ASP B 207 2.21 2.94 -15.25
CA ASP B 207 1.27 4.03 -15.53
C ASP B 207 1.34 4.43 -17.00
N ARG B 208 2.55 4.57 -17.54
CA ARG B 208 2.69 4.93 -18.94
C ARG B 208 2.16 3.85 -19.87
N LEU B 209 2.03 2.61 -19.40
CA LEU B 209 1.40 1.57 -20.21
C LEU B 209 -0.12 1.56 -20.07
N GLY B 210 -0.70 2.47 -19.29
CA GLY B 210 -2.13 2.51 -19.16
C GLY B 210 -2.69 1.60 -18.08
N PHE B 211 -1.84 1.10 -17.20
CA PHE B 211 -2.33 0.26 -16.11
C PHE B 211 -3.14 1.08 -15.12
N LEU B 212 -4.03 0.41 -14.42
CA LEU B 212 -4.81 0.98 -13.33
C LEU B 212 -4.34 0.34 -12.02
N GLU B 213 -3.92 1.16 -11.05
CA GLU B 213 -3.54 0.63 -9.75
C GLU B 213 -4.80 0.39 -8.92
N VAL B 214 -4.85 -0.75 -8.22
CA VAL B 214 -6.03 -1.16 -7.47
C VAL B 214 -5.63 -1.63 -6.07
N GLU B 215 -6.63 -1.80 -5.20
CA GLU B 215 -6.41 -2.36 -3.87
C GLU B 215 -7.43 -3.46 -3.63
N THR B 216 -6.94 -4.65 -3.25
CA THR B 216 -7.81 -5.78 -3.01
C THR B 216 -7.63 -6.24 -1.57
N PRO B 217 -8.52 -7.06 -1.01
CA PRO B 217 -8.54 -7.25 0.45
C PRO B 217 -7.32 -7.98 0.99
N MET B 218 -6.82 -7.48 2.13
CA MET B 218 -5.79 -8.18 2.88
C MET B 218 -6.37 -9.14 3.91
N LEU B 219 -7.62 -8.93 4.32
CA LEU B 219 -8.36 -9.93 5.08
C LEU B 219 -9.16 -10.80 4.11
N ASN B 220 -8.99 -12.12 4.22
CA ASN B 220 -9.59 -13.07 3.29
C ASN B 220 -10.40 -14.09 4.08
N MET B 221 -11.64 -14.35 3.64
CA MET B 221 -12.36 -15.52 4.14
C MET B 221 -11.60 -16.81 3.81
N ILE B 222 -10.96 -16.84 2.63
CA ILE B 222 -10.24 -18.01 2.13
C ILE B 222 -8.90 -17.51 1.61
N TYR B 223 -7.82 -18.07 2.11
CA TYR B 223 -6.51 -17.67 1.63
C TYR B 223 -6.17 -18.45 0.35
N GLY B 224 -5.33 -17.85 -0.48
CA GLY B 224 -4.92 -18.50 -1.72
C GLY B 224 -3.97 -17.62 -2.50
N GLY B 225 -3.53 -18.14 -3.66
CA GLY B 225 -2.68 -17.43 -4.58
C GLY B 225 -1.18 -17.69 -4.45
N ALA B 226 -0.79 -18.54 -3.51
CA ALA B 226 0.62 -18.87 -3.30
C ALA B 226 0.67 -20.14 -2.48
N ALA B 227 1.89 -20.65 -2.30
CA ALA B 227 2.15 -21.80 -1.43
C ALA B 227 2.77 -21.27 -0.15
N ALA B 228 1.95 -21.07 0.88
CA ALA B 228 2.44 -20.44 2.10
C ALA B 228 1.43 -20.64 3.22
N ARG B 229 1.95 -20.77 4.44
CA ARG B 229 1.08 -20.84 5.60
C ARG B 229 0.58 -19.44 5.96
N PRO B 230 -0.73 -19.25 6.16
CA PRO B 230 -1.25 -17.91 6.46
C PRO B 230 -1.26 -17.57 7.94
N PHE B 231 -1.42 -16.28 8.21
CA PHE B 231 -1.78 -15.83 9.54
C PHE B 231 -3.29 -15.94 9.71
N ILE B 232 -3.73 -16.29 10.91
CA ILE B 232 -5.14 -16.50 11.22
C ILE B 232 -5.60 -15.40 12.16
N THR B 233 -6.75 -14.80 11.87
CA THR B 233 -7.32 -13.82 12.79
C THR B 233 -8.83 -13.99 12.83
N TYR B 234 -9.53 -13.00 13.38
CA TYR B 234 -10.93 -13.20 13.74
C TYR B 234 -11.61 -11.85 13.84
N HIS B 235 -12.79 -11.74 13.22
CA HIS B 235 -13.60 -10.54 13.23
C HIS B 235 -14.79 -10.76 14.15
N ASN B 236 -14.76 -10.11 15.31
CA ASN B 236 -15.70 -10.45 16.38
C ASN B 236 -17.14 -10.11 16.01
N GLU B 237 -17.37 -8.93 15.41
CA GLU B 237 -18.73 -8.51 15.08
C GLU B 237 -19.41 -9.50 14.16
N LEU B 238 -18.71 -9.95 13.11
CA LEU B 238 -19.24 -10.93 12.17
C LEU B 238 -19.00 -12.37 12.62
N GLU B 239 -18.41 -12.57 13.80
CA GLU B 239 -18.15 -13.90 14.35
C GLU B 239 -17.55 -14.85 13.30
N THR B 240 -16.56 -14.37 12.57
CA THR B 240 -15.95 -15.21 11.53
C THR B 240 -14.43 -15.21 11.64
N GLN B 241 -13.85 -16.39 11.49
CA GLN B 241 -12.41 -16.51 11.33
C GLN B 241 -12.00 -15.94 9.97
N LEU B 242 -10.81 -15.35 9.93
CA LEU B 242 -10.27 -14.76 8.73
C LEU B 242 -8.81 -15.13 8.60
N TYR B 243 -8.31 -15.04 7.38
CA TYR B 243 -6.91 -15.18 7.07
C TYR B 243 -6.41 -13.86 6.51
N MET B 244 -5.17 -13.49 6.84
CA MET B 244 -4.49 -12.42 6.11
CA MET B 244 -4.53 -12.42 6.10
C MET B 244 -4.01 -12.96 4.78
N ARG B 245 -4.03 -12.12 3.76
CA ARG B 245 -3.71 -12.60 2.43
C ARG B 245 -2.25 -13.05 2.36
N ILE B 246 -2.03 -14.18 1.66
CA ILE B 246 -0.66 -14.55 1.29
C ILE B 246 -0.30 -14.02 -0.09
N ALA B 247 -1.29 -13.63 -0.89
CA ALA B 247 -1.12 -13.01 -2.21
C ALA B 247 -2.47 -12.47 -2.69
N PRO B 248 -2.49 -11.42 -3.50
CA PRO B 248 -3.75 -10.88 -4.03
C PRO B 248 -4.22 -11.49 -5.33
N GLU B 249 -3.58 -12.56 -5.80
CA GLU B 249 -3.76 -13.09 -7.15
C GLU B 249 -5.23 -13.36 -7.50
N LEU B 250 -5.96 -14.08 -6.63
CA LEU B 250 -7.33 -14.48 -6.97
C LEU B 250 -8.25 -13.28 -7.12
N TYR B 251 -8.08 -12.23 -6.32
CA TYR B 251 -8.92 -11.05 -6.49
C TYR B 251 -8.55 -10.29 -7.76
N LEU B 252 -7.26 -10.18 -8.06
CA LEU B 252 -6.85 -9.38 -9.20
C LEU B 252 -7.35 -9.99 -10.50
N LYS B 253 -7.33 -11.32 -10.59
CA LYS B 253 -7.85 -11.95 -11.80
C LYS B 253 -9.34 -11.68 -11.95
N GLN B 254 -10.08 -11.60 -10.84
CA GLN B 254 -11.49 -11.23 -10.95
C GLN B 254 -11.66 -9.86 -11.61
N LEU B 255 -10.68 -8.97 -11.43
CA LEU B 255 -10.76 -7.66 -12.05
C LEU B 255 -10.57 -7.74 -13.56
N ILE B 256 -9.81 -8.71 -14.05
CA ILE B 256 -9.69 -8.90 -15.50
C ILE B 256 -10.98 -9.49 -16.07
N VAL B 257 -11.61 -10.43 -15.35
CA VAL B 257 -12.97 -10.85 -15.75
C VAL B 257 -13.89 -9.63 -15.84
N GLY B 258 -13.74 -8.68 -14.92
CA GLY B 258 -14.57 -7.47 -14.93
C GLY B 258 -14.26 -6.49 -16.05
N GLY B 259 -13.18 -6.69 -16.79
CA GLY B 259 -12.87 -5.85 -17.93
C GLY B 259 -11.86 -4.74 -17.72
N LEU B 260 -11.21 -4.68 -16.54
CA LEU B 260 -10.25 -3.59 -16.33
C LEU B 260 -8.95 -3.75 -17.13
N ASP B 261 -8.68 -4.93 -17.69
CA ASP B 261 -7.71 -5.17 -18.76
C ASP B 261 -6.24 -5.09 -18.33
N LYS B 262 -5.88 -4.07 -17.55
CA LYS B 262 -4.49 -3.92 -17.07
C LYS B 262 -4.55 -3.34 -15.67
N VAL B 263 -4.28 -4.16 -14.66
CA VAL B 263 -4.26 -3.69 -13.27
C VAL B 263 -2.95 -4.09 -12.60
N TYR B 264 -2.56 -3.29 -11.58
CA TYR B 264 -1.47 -3.68 -10.71
C TYR B 264 -1.76 -3.26 -9.26
N GLU B 265 -1.10 -3.95 -8.34
CA GLU B 265 -1.22 -3.69 -6.92
C GLU B 265 0.18 -3.79 -6.32
N ILE B 266 0.52 -2.86 -5.42
CA ILE B 266 1.82 -2.85 -4.73
C ILE B 266 1.49 -2.78 -3.25
N GLY B 267 1.73 -3.85 -2.51
CA GLY B 267 1.37 -3.85 -1.12
C GLY B 267 1.87 -5.09 -0.39
N LYS B 268 1.48 -5.18 0.87
CA LYS B 268 1.95 -6.25 1.75
C LYS B 268 1.24 -7.57 1.47
N ASN B 269 2.02 -8.65 1.54
CA ASN B 269 1.57 -10.00 1.80
C ASN B 269 2.01 -10.40 3.20
N PHE B 270 1.35 -11.42 3.74
CA PHE B 270 1.60 -11.89 5.09
C PHE B 270 1.74 -13.40 5.05
N ARG B 271 2.91 -13.89 5.45
CA ARG B 271 3.19 -15.32 5.39
C ARG B 271 3.76 -15.75 6.74
N ASN B 272 3.13 -16.77 7.31
CA ASN B 272 3.39 -17.23 8.68
C ASN B 272 4.45 -18.33 8.64
N GLU B 273 5.68 -17.89 8.41
CA GLU B 273 6.79 -18.78 8.07
C GLU B 273 8.06 -18.21 8.68
N GLY B 274 9.15 -18.97 8.56
CA GLY B 274 10.39 -18.58 9.20
C GLY B 274 11.03 -17.36 8.56
N ILE B 275 11.76 -16.60 9.37
CA ILE B 275 12.47 -15.42 8.91
C ILE B 275 13.93 -15.81 8.66
N ASP B 276 14.50 -15.25 7.60
CA ASP B 276 15.92 -15.41 7.30
C ASP B 276 16.34 -14.23 6.44
N LEU B 277 17.51 -14.35 5.80
CA LEU B 277 18.09 -13.21 5.09
C LEU B 277 17.21 -12.70 3.95
N THR B 278 16.30 -13.52 3.43
CA THR B 278 15.44 -13.10 2.34
C THR B 278 13.95 -13.20 2.66
N HIS B 279 13.57 -13.57 3.88
CA HIS B 279 12.15 -13.71 4.24
C HIS B 279 11.87 -12.88 5.48
N ASN B 280 10.82 -12.06 5.43
CA ASN B 280 10.21 -11.34 6.53
C ASN B 280 8.73 -11.71 6.53
N PRO B 281 8.07 -11.82 7.69
CA PRO B 281 6.68 -12.31 7.71
C PRO B 281 5.71 -11.40 6.97
N GLU B 282 5.99 -10.10 6.89
CA GLU B 282 5.29 -9.25 5.95
C GLU B 282 6.31 -8.68 4.97
N PHE B 283 5.93 -8.61 3.70
CA PHE B 283 6.84 -8.09 2.70
C PHE B 283 6.02 -7.41 1.62
N THR B 284 6.70 -6.61 0.82
CA THR B 284 6.04 -5.79 -0.18
C THR B 284 6.20 -6.46 -1.53
N ALA B 285 5.07 -6.81 -2.14
CA ALA B 285 5.04 -7.43 -3.43
C ALA B 285 4.28 -6.53 -4.39
N MET B 286 4.67 -6.59 -5.66
CA MET B 286 3.87 -6.05 -6.75
C MET B 286 3.34 -7.21 -7.59
N GLU B 287 2.03 -7.20 -7.83
CA GLU B 287 1.43 -8.08 -8.83
C GLU B 287 0.79 -7.24 -9.92
N PHE B 288 0.86 -7.72 -11.17
CA PHE B 288 0.05 -7.12 -12.22
C PHE B 288 -0.55 -8.22 -13.08
N TYR B 289 -1.64 -7.85 -13.75
CA TYR B 289 -2.39 -8.74 -14.63
C TYR B 289 -2.64 -7.96 -15.91
N MET B 290 -2.25 -8.54 -17.03
CA MET B 290 -2.34 -7.91 -18.34
C MET B 290 -3.18 -8.83 -19.23
N ALA B 291 -4.38 -8.40 -19.59
CA ALA B 291 -5.14 -9.16 -20.57
C ALA B 291 -4.34 -9.27 -21.86
N TYR B 292 -4.44 -10.44 -22.51
CA TYR B 292 -3.92 -10.76 -23.83
C TYR B 292 -2.42 -10.96 -23.87
N ALA B 293 -1.72 -10.85 -22.73
CA ALA B 293 -0.32 -11.26 -22.60
C ALA B 293 -0.21 -12.76 -22.32
N ASP B 294 0.88 -13.38 -22.78
CA ASP B 294 1.25 -14.71 -22.31
C ASP B 294 2.59 -14.59 -21.59
N TYR B 295 3.19 -15.73 -21.22
CA TYR B 295 4.39 -15.59 -20.38
C TYR B 295 5.63 -15.22 -21.18
N TYR B 296 5.65 -15.42 -22.50
CA TYR B 296 6.74 -14.87 -23.31
C TYR B 296 6.70 -13.35 -23.34
N ASP B 297 5.50 -12.76 -23.48
CA ASP B 297 5.36 -11.32 -23.32
C ASP B 297 5.89 -10.86 -21.96
N LEU B 298 5.55 -11.61 -20.91
CA LEU B 298 5.93 -11.18 -19.56
C LEU B 298 7.43 -11.30 -19.33
N MET B 299 8.08 -12.29 -19.94
CA MET B 299 9.53 -12.35 -19.86
C MET B 299 10.16 -11.13 -20.51
N ASP B 300 9.66 -10.72 -21.69
CA ASP B 300 10.23 -9.54 -22.35
C ASP B 300 10.02 -8.30 -21.49
N LEU B 301 8.86 -8.19 -20.85
CA LEU B 301 8.57 -7.03 -20.01
C LEU B 301 9.48 -7.01 -18.78
N THR B 302 9.64 -8.17 -18.12
CA THR B 302 10.53 -8.26 -16.97
C THR B 302 11.93 -7.76 -17.30
N GLU B 303 12.48 -8.24 -18.42
CA GLU B 303 13.81 -7.80 -18.85
C GLU B 303 13.86 -6.29 -19.00
N GLU B 304 12.89 -5.73 -19.73
CA GLU B 304 12.92 -4.30 -20.02
C GLU B 304 12.76 -3.48 -18.74
N LEU B 305 11.79 -3.85 -17.91
CA LEU B 305 11.54 -3.13 -16.67
C LEU B 305 12.76 -3.15 -15.74
N ILE B 306 13.29 -4.34 -15.46
CA ILE B 306 14.37 -4.48 -14.49
C ILE B 306 15.67 -3.89 -15.03
N SER B 307 16.04 -4.24 -16.26
CA SER B 307 17.30 -3.72 -16.79
C SER B 307 17.25 -2.20 -16.90
N GLY B 308 16.08 -1.64 -17.25
CA GLY B 308 15.96 -0.19 -17.30
C GLY B 308 16.11 0.44 -15.94
N LEU B 309 15.57 -0.21 -14.91
CA LEU B 309 15.68 0.32 -13.56
C LEU B 309 17.11 0.22 -13.05
N VAL B 310 17.76 -0.93 -13.28
CA VAL B 310 19.16 -1.08 -12.93
C VAL B 310 19.99 0.00 -13.59
N LEU B 311 19.78 0.21 -14.89
CA LEU B 311 20.54 1.22 -15.62
C LEU B 311 20.26 2.62 -15.07
N GLU B 312 19.02 2.88 -14.67
CA GLU B 312 18.68 4.18 -14.12
C GLU B 312 19.42 4.43 -12.81
N ILE B 313 19.46 3.43 -11.92
CA ILE B 313 20.09 3.62 -10.62
C ILE B 313 21.62 3.62 -10.74
N HIS B 314 22.18 2.74 -11.58
CA HIS B 314 23.62 2.47 -11.54
C HIS B 314 24.40 3.01 -12.73
N GLY B 315 23.74 3.38 -13.83
CA GLY B 315 24.45 3.85 -14.98
C GLY B 315 25.08 2.77 -15.83
N SER B 316 24.87 1.50 -15.51
CA SER B 316 25.24 0.41 -16.39
C SER B 316 24.43 -0.81 -15.97
N LEU B 317 24.53 -1.87 -16.76
CA LEU B 317 23.84 -3.12 -16.46
C LEU B 317 24.69 -4.09 -15.63
N LYS B 318 25.94 -3.75 -15.34
CA LYS B 318 26.79 -4.55 -14.46
C LYS B 318 26.97 -3.82 -13.14
N ILE B 319 26.55 -4.43 -12.04
CA ILE B 319 26.54 -3.76 -10.73
C ILE B 319 27.22 -4.62 -9.67
N PRO B 320 27.77 -4.03 -8.61
CA PRO B 320 28.44 -4.82 -7.57
C PRO B 320 27.46 -5.47 -6.61
N TYR B 321 27.92 -6.54 -5.97
CA TYR B 321 27.15 -7.17 -4.90
C TYR B 321 28.12 -7.86 -3.94
N HIS B 322 27.84 -7.71 -2.64
CA HIS B 322 28.64 -8.30 -1.56
C HIS B 322 27.85 -9.41 -0.89
N PRO B 323 28.03 -10.66 -1.31
CA PRO B 323 27.19 -11.74 -0.77
C PRO B 323 27.39 -11.98 0.71
N ASP B 324 28.57 -11.72 1.24
CA ASP B 324 28.88 -11.95 2.65
C ASP B 324 29.17 -10.64 3.37
N GLY B 325 28.42 -9.59 3.04
CA GLY B 325 28.56 -8.32 3.72
C GLY B 325 29.68 -7.45 3.19
N PRO B 326 29.75 -6.21 3.68
CA PRO B 326 30.55 -5.17 3.00
C PRO B 326 32.07 -5.35 3.12
N GLU B 327 32.55 -6.06 4.14
CA GLU B 327 33.98 -6.31 4.22
C GLU B 327 34.37 -7.60 3.52
N GLY B 328 33.39 -8.42 3.13
CA GLY B 328 33.64 -9.63 2.38
C GLY B 328 33.96 -9.34 0.92
N LYS B 329 33.89 -10.40 0.13
CA LYS B 329 34.23 -10.26 -1.28
C LYS B 329 33.09 -9.59 -2.05
N CYS B 330 33.44 -8.97 -3.16
CA CYS B 330 32.50 -8.26 -3.99
C CYS B 330 32.43 -8.93 -5.35
N ILE B 331 31.22 -9.24 -5.81
CA ILE B 331 31.04 -9.83 -7.13
C ILE B 331 30.30 -8.86 -8.04
N GLU B 332 30.12 -9.26 -9.29
CA GLU B 332 29.46 -8.44 -10.29
C GLU B 332 28.24 -9.18 -10.82
N ILE B 333 27.10 -8.49 -10.84
CA ILE B 333 25.88 -9.02 -11.43
C ILE B 333 25.62 -8.29 -12.74
N ASP B 334 25.37 -9.06 -13.80
CA ASP B 334 25.25 -8.54 -15.16
C ASP B 334 23.82 -8.75 -15.64
N PHE B 335 23.11 -7.64 -15.86
CA PHE B 335 21.73 -7.64 -16.27
C PHE B 335 21.56 -7.53 -17.79
N THR B 336 22.64 -7.74 -18.55
CA THR B 336 22.58 -7.61 -20.01
C THR B 336 21.59 -8.63 -20.57
N THR B 337 20.74 -8.19 -21.47
CA THR B 337 19.70 -9.01 -22.08
C THR B 337 20.17 -9.55 -23.42
N PRO B 338 19.60 -10.67 -23.90
CA PRO B 338 18.59 -11.53 -23.25
C PRO B 338 19.15 -12.32 -22.08
N TRP B 339 18.30 -12.55 -21.08
CA TRP B 339 18.69 -13.33 -19.92
C TRP B 339 18.62 -14.82 -20.21
N LYS B 340 19.46 -15.58 -19.52
CA LYS B 340 19.46 -17.03 -19.59
C LYS B 340 18.09 -17.60 -19.24
N ARG B 341 17.67 -18.64 -19.97
CA ARG B 341 16.53 -19.46 -19.57
C ARG B 341 17.01 -20.86 -19.21
N PHE B 342 16.47 -21.40 -18.11
CA PHE B 342 16.65 -22.80 -17.74
C PHE B 342 15.30 -23.48 -17.73
N SER B 343 15.17 -24.61 -18.43
CA SER B 343 13.93 -25.36 -18.40
C SER B 343 13.94 -26.26 -17.16
N PHE B 344 12.88 -26.14 -16.34
CA PHE B 344 12.80 -26.73 -15.00
C PHE B 344 13.19 -28.21 -15.00
N VAL B 345 12.42 -29.05 -15.71
CA VAL B 345 12.65 -30.50 -15.65
C VAL B 345 13.97 -30.85 -16.33
N GLU B 346 14.20 -30.30 -17.51
CA GLU B 346 15.43 -30.60 -18.25
CA GLU B 346 15.43 -30.56 -18.27
C GLU B 346 16.67 -30.30 -17.42
N GLU B 347 16.69 -29.17 -16.70
CA GLU B 347 17.89 -28.83 -15.92
C GLU B 347 18.07 -29.77 -14.74
N ILE B 348 16.97 -30.15 -14.08
CA ILE B 348 17.07 -31.16 -13.03
C ILE B 348 17.64 -32.46 -13.58
N GLU B 349 17.18 -32.88 -14.77
CA GLU B 349 17.65 -34.16 -15.29
C GLU B 349 19.11 -34.08 -15.73
N SER B 350 19.56 -32.92 -16.21
CA SER B 350 20.98 -32.68 -16.41
C SER B 350 21.77 -32.95 -15.13
N GLY B 351 21.32 -32.35 -14.03
CA GLY B 351 22.01 -32.52 -12.76
C GLY B 351 21.99 -33.94 -12.26
N LEU B 352 20.88 -34.65 -12.48
CA LEU B 352 20.77 -36.02 -11.99
C LEU B 352 21.59 -36.99 -12.82
N GLY B 353 21.80 -36.71 -14.10
CA GLY B 353 22.27 -37.76 -14.97
C GLY B 353 21.26 -38.86 -15.23
N GLU B 354 19.97 -38.59 -15.01
CA GLU B 354 18.91 -39.54 -15.32
C GLU B 354 17.58 -38.80 -15.33
N LYS B 355 16.58 -39.44 -15.93
CA LYS B 355 15.30 -38.78 -16.17
C LYS B 355 14.32 -39.06 -15.04
N LEU B 356 13.50 -38.07 -14.74
CA LEU B 356 12.38 -38.27 -13.83
C LEU B 356 11.39 -39.24 -14.46
N LYS B 357 10.62 -39.91 -13.61
CA LYS B 357 9.61 -40.84 -14.12
C LYS B 357 8.34 -40.09 -14.49
N ARG B 358 7.60 -40.64 -15.45
CA ARG B 358 6.36 -40.01 -15.91
C ARG B 358 5.16 -40.93 -15.66
N PRO B 359 4.00 -40.36 -15.29
CA PRO B 359 3.78 -38.91 -15.09
C PRO B 359 4.53 -38.42 -13.85
N LEU B 360 4.84 -37.13 -13.82
CA LEU B 360 5.66 -36.57 -12.75
C LEU B 360 4.99 -36.64 -11.39
N ASP B 361 3.66 -36.72 -11.34
CA ASP B 361 2.96 -36.78 -10.06
C ASP B 361 2.52 -38.20 -9.72
N SER B 362 2.95 -39.21 -10.47
CA SER B 362 2.67 -40.58 -10.10
C SER B 362 3.43 -40.95 -8.82
N GLN B 363 2.94 -42.00 -8.15
CA GLN B 363 3.63 -42.47 -6.96
C GLN B 363 5.02 -43.01 -7.30
N GLU B 364 5.17 -43.57 -8.50
CA GLU B 364 6.48 -44.04 -8.94
C GLU B 364 7.49 -42.91 -8.99
N ASN B 365 7.11 -41.75 -9.54
CA ASN B 365 8.06 -40.65 -9.58
C ASN B 365 8.25 -39.97 -8.23
N ILE B 366 7.22 -39.94 -7.40
CA ILE B 366 7.39 -39.48 -6.03
C ILE B 366 8.44 -40.31 -5.32
N ASP B 367 8.32 -41.65 -5.41
CA ASP B 367 9.29 -42.53 -4.78
C ASP B 367 10.67 -42.37 -5.41
N PHE B 368 10.73 -42.15 -6.72
CA PHE B 368 12.02 -41.97 -7.37
C PHE B 368 12.67 -40.65 -6.96
N MET B 369 11.88 -39.58 -6.82
CA MET B 369 12.44 -38.32 -6.37
C MET B 369 12.90 -38.40 -4.92
N VAL B 370 12.21 -39.18 -4.08
CA VAL B 370 12.70 -39.40 -2.72
C VAL B 370 14.07 -40.08 -2.78
N GLU B 371 14.20 -41.10 -3.62
CA GLU B 371 15.50 -41.76 -3.80
C GLU B 371 16.57 -40.79 -4.26
N MET B 372 16.22 -39.87 -5.16
CA MET B 372 17.22 -38.95 -5.69
C MET B 372 17.64 -37.93 -4.64
N CYS B 373 16.71 -37.50 -3.78
CA CYS B 373 17.07 -36.57 -2.72
C CYS B 373 18.01 -37.21 -1.73
N GLU B 374 17.76 -38.46 -1.37
CA GLU B 374 18.65 -39.17 -0.46
C GLU B 374 20.02 -39.39 -1.09
N LYS B 375 20.04 -39.74 -2.37
CA LYS B 375 21.30 -39.95 -3.09
C LYS B 375 22.15 -38.68 -3.12
N HIS B 376 21.52 -37.53 -3.34
CA HIS B 376 22.25 -36.28 -3.51
C HIS B 376 22.23 -35.43 -2.25
N GLU B 377 21.79 -36.00 -1.13
CA GLU B 377 21.83 -35.35 0.17
C GLU B 377 21.03 -34.06 0.14
N ILE B 378 19.86 -34.12 -0.47
CA ILE B 378 18.88 -33.05 -0.43
C ILE B 378 17.89 -33.37 0.66
N GLU B 379 17.68 -32.41 1.57
CA GLU B 379 16.73 -32.63 2.66
C GLU B 379 15.32 -32.81 2.11
N LEU B 380 14.59 -33.73 2.70
CA LEU B 380 13.28 -34.09 2.19
C LEU B 380 12.23 -33.08 2.67
N PRO B 381 11.22 -32.81 1.85
CA PRO B 381 10.12 -31.95 2.28
C PRO B 381 9.09 -32.74 3.05
N HIS B 382 8.21 -32.03 3.75
CA HIS B 382 7.07 -32.68 4.36
C HIS B 382 5.80 -31.89 4.03
N PRO B 383 4.74 -32.55 3.58
CA PRO B 383 4.78 -33.96 3.20
C PRO B 383 5.50 -34.14 1.86
N ARG B 384 5.69 -35.40 1.47
CA ARG B 384 6.46 -35.72 0.26
C ARG B 384 5.51 -35.79 -0.94
N THR B 385 4.97 -34.62 -1.29
CA THR B 385 4.19 -34.50 -2.51
C THR B 385 5.12 -34.37 -3.71
N ALA B 386 4.62 -34.77 -4.88
CA ALA B 386 5.38 -34.58 -6.11
C ALA B 386 5.86 -33.14 -6.25
N ALA B 387 4.97 -32.18 -5.99
CA ALA B 387 5.29 -30.77 -6.17
C ALA B 387 6.47 -30.34 -5.29
N LYS B 388 6.38 -30.62 -3.99
CA LYS B 388 7.43 -30.22 -3.06
C LYS B 388 8.74 -30.96 -3.29
N LEU B 389 8.69 -32.23 -3.71
CA LEU B 389 9.92 -32.92 -4.10
C LEU B 389 10.55 -32.25 -5.31
N LEU B 390 9.74 -31.92 -6.31
CA LEU B 390 10.25 -31.25 -7.50
C LEU B 390 10.90 -29.93 -7.12
N ASP B 391 10.31 -29.23 -6.15
CA ASP B 391 10.88 -27.97 -5.70
C ASP B 391 12.25 -28.17 -5.06
N LYS B 392 12.38 -29.19 -4.21
CA LYS B 392 13.66 -29.48 -3.58
C LYS B 392 14.73 -29.79 -4.61
N LEU B 393 14.39 -30.57 -5.64
CA LEU B 393 15.35 -30.88 -6.70
C LEU B 393 15.76 -29.62 -7.45
N ALA B 394 14.78 -28.78 -7.81
CA ALA B 394 15.09 -27.54 -8.50
C ALA B 394 15.94 -26.63 -7.64
N GLY B 395 15.64 -26.58 -6.33
CA GLY B 395 16.46 -25.77 -5.44
C GLY B 395 17.91 -26.23 -5.41
N HIS B 396 18.12 -27.55 -5.47
CA HIS B 396 19.48 -28.09 -5.46
C HIS B 396 20.17 -27.93 -6.81
N PHE B 397 19.45 -28.16 -7.91
CA PHE B 397 20.14 -28.34 -9.17
C PHE B 397 20.03 -27.14 -10.11
N VAL B 398 19.03 -26.29 -9.95
CA VAL B 398 18.73 -25.26 -10.94
C VAL B 398 18.89 -23.86 -10.36
N GLU B 399 18.29 -23.61 -9.19
CA GLU B 399 18.40 -22.28 -8.59
C GLU B 399 19.86 -21.91 -8.32
N THR B 400 20.69 -22.90 -8.01
CA THR B 400 22.10 -22.67 -7.71
C THR B 400 22.87 -22.17 -8.92
N LYS B 401 22.37 -22.38 -10.13
CA LYS B 401 23.07 -21.94 -11.32
C LYS B 401 22.67 -20.54 -11.76
N CYS B 402 21.80 -19.87 -11.02
CA CYS B 402 21.27 -18.57 -11.44
C CYS B 402 22.05 -17.48 -10.71
N THR B 403 23.22 -17.15 -11.24
CA THR B 403 23.98 -16.03 -10.69
C THR B 403 23.49 -14.70 -11.26
N ASN B 404 23.77 -14.46 -12.54
CA ASN B 404 23.08 -13.40 -13.27
C ASN B 404 21.58 -13.66 -13.34
N PRO B 405 20.77 -12.59 -13.52
CA PRO B 405 19.32 -12.79 -13.69
C PRO B 405 18.99 -13.92 -14.64
N SER B 406 18.25 -14.91 -14.18
CA SER B 406 17.92 -16.07 -15.01
C SER B 406 16.48 -16.50 -14.79
N PHE B 407 15.82 -16.88 -15.89
CA PHE B 407 14.45 -17.37 -15.87
C PHE B 407 14.47 -18.90 -15.75
N ILE B 408 13.84 -19.44 -14.72
CA ILE B 408 13.49 -20.86 -14.70
C ILE B 408 12.09 -21.00 -15.28
N ILE B 409 11.91 -21.86 -16.28
CA ILE B 409 10.68 -21.84 -17.05
C ILE B 409 10.05 -23.23 -17.10
N ASP B 410 8.75 -23.24 -17.38
CA ASP B 410 7.99 -24.44 -17.76
C ASP B 410 7.84 -25.42 -16.61
N HIS B 411 7.52 -24.89 -15.42
CA HIS B 411 7.28 -25.71 -14.24
C HIS B 411 6.20 -26.75 -14.49
N PRO B 412 6.35 -27.96 -13.94
CA PRO B 412 5.27 -28.94 -13.99
C PRO B 412 3.95 -28.38 -13.44
N GLN B 413 2.85 -28.87 -14.03
CA GLN B 413 1.53 -28.46 -13.59
C GLN B 413 1.28 -28.81 -12.12
N THR B 414 1.88 -29.90 -11.64
CA THR B 414 1.58 -30.38 -10.29
C THR B 414 2.02 -29.40 -9.21
N MET B 415 3.00 -28.53 -9.47
CA MET B 415 3.42 -27.51 -8.54
C MET B 415 2.92 -26.11 -8.91
N SER B 416 2.02 -26.00 -9.89
CA SER B 416 1.59 -24.72 -10.45
C SER B 416 0.08 -24.76 -10.67
N PRO B 417 -0.70 -24.75 -9.58
CA PRO B 417 -2.15 -25.00 -9.70
C PRO B 417 -2.91 -23.87 -10.39
N LEU B 418 -2.32 -22.69 -10.53
CA LEU B 418 -2.99 -21.55 -11.14
C LEU B 418 -2.44 -21.21 -12.52
N ALA B 419 -1.44 -21.95 -13.01
CA ALA B 419 -0.79 -21.66 -14.28
C ALA B 419 -1.38 -22.50 -15.42
N LYS B 420 -1.53 -21.89 -16.59
CA LYS B 420 -2.15 -22.58 -17.70
C LYS B 420 -1.19 -23.62 -18.29
N TRP B 421 -1.77 -24.75 -18.73
CA TRP B 421 -1.02 -25.84 -19.33
C TRP B 421 -0.17 -25.36 -20.49
N HIS B 422 1.03 -25.93 -20.63
CA HIS B 422 1.93 -25.49 -21.68
C HIS B 422 1.35 -25.84 -23.06
N ARG B 423 1.43 -24.90 -23.99
CA ARG B 423 0.89 -25.16 -25.31
C ARG B 423 1.63 -26.27 -26.05
N GLU B 424 2.85 -26.64 -25.62
CA GLU B 424 3.64 -27.66 -26.32
C GLU B 424 4.11 -28.81 -25.43
N LYS B 425 4.50 -28.53 -24.18
CA LYS B 425 5.17 -29.52 -23.35
C LYS B 425 4.16 -30.22 -22.45
N PRO B 426 3.94 -31.53 -22.62
CA PRO B 426 3.00 -32.24 -21.75
C PRO B 426 3.41 -32.17 -20.28
N GLU B 427 2.41 -32.03 -19.41
CA GLU B 427 2.55 -31.98 -17.95
C GLU B 427 3.13 -30.65 -17.45
N MET B 428 3.63 -29.80 -18.35
CA MET B 428 4.24 -28.54 -17.94
C MET B 428 3.25 -27.39 -18.03
N THR B 429 3.68 -26.21 -17.55
CA THR B 429 2.85 -25.00 -17.59
C THR B 429 3.63 -23.84 -18.20
N GLU B 430 2.88 -22.81 -18.59
CA GLU B 430 3.50 -21.60 -19.13
C GLU B 430 3.82 -20.68 -17.96
N ARG B 431 4.89 -21.03 -17.24
CA ARG B 431 5.27 -20.33 -16.02
C ARG B 431 6.76 -20.02 -16.07
N PHE B 432 7.14 -18.90 -15.46
CA PHE B 432 8.56 -18.68 -15.16
C PHE B 432 8.74 -18.10 -13.77
N GLU B 433 9.94 -18.35 -13.22
CA GLU B 433 10.48 -17.64 -12.06
C GLU B 433 11.77 -16.94 -12.46
N LEU B 434 11.93 -15.70 -11.99
CA LEU B 434 13.19 -14.98 -12.14
C LEU B 434 14.04 -15.16 -10.90
N PHE B 435 15.28 -15.63 -11.08
CA PHE B 435 16.24 -15.76 -10.00
C PHE B 435 17.46 -14.89 -10.25
N VAL B 436 18.02 -14.37 -9.16
CA VAL B 436 19.23 -13.55 -9.16
C VAL B 436 20.06 -14.00 -7.96
N LEU B 437 21.33 -14.32 -8.20
CA LEU B 437 22.22 -14.91 -7.19
C LEU B 437 21.49 -16.00 -6.39
N GLY B 438 20.83 -16.90 -7.12
CA GLY B 438 20.12 -17.98 -6.47
C GLY B 438 18.93 -17.58 -5.61
N LYS B 439 18.40 -16.37 -5.76
CA LYS B 439 17.26 -15.89 -4.99
C LYS B 439 16.09 -15.52 -5.89
N GLU B 440 14.89 -15.93 -5.47
CA GLU B 440 13.71 -15.75 -6.31
C GLU B 440 13.24 -14.30 -6.25
N LEU B 441 13.13 -13.67 -7.41
CA LEU B 441 12.61 -12.31 -7.52
C LEU B 441 11.20 -12.24 -8.08
N CYS B 442 10.87 -13.04 -9.09
CA CYS B 442 9.58 -12.97 -9.78
C CYS B 442 8.99 -14.36 -9.95
N ASN B 443 7.66 -14.38 -9.98
CA ASN B 443 6.87 -15.58 -10.25
C ASN B 443 5.72 -15.11 -11.14
N ALA B 444 5.60 -15.72 -12.32
CA ALA B 444 4.69 -15.23 -13.34
C ALA B 444 4.23 -16.38 -14.21
N TYR B 445 3.06 -16.22 -14.85
CA TYR B 445 2.63 -17.23 -15.81
C TYR B 445 1.48 -16.75 -16.70
N THR B 446 1.29 -17.49 -17.80
CA THR B 446 0.01 -17.47 -18.51
C THR B 446 -1.07 -18.02 -17.59
N GLU B 447 -2.07 -17.21 -17.29
CA GLU B 447 -3.06 -17.57 -16.27
C GLU B 447 -3.98 -18.68 -16.75
N LEU B 448 -4.18 -19.71 -15.93
CA LEU B 448 -5.21 -20.70 -16.22
C LEU B 448 -6.57 -20.02 -16.25
N ASN B 449 -7.30 -20.19 -17.36
CA ASN B 449 -8.61 -19.58 -17.51
C ASN B 449 -9.67 -20.60 -17.91
N GLU B 450 -9.37 -21.89 -17.76
CA GLU B 450 -10.31 -22.96 -18.07
C GLU B 450 -10.89 -23.49 -16.77
N PRO B 451 -12.18 -23.31 -16.50
CA PRO B 451 -12.68 -23.57 -15.14
C PRO B 451 -12.64 -25.03 -14.70
N LEU B 452 -12.87 -25.99 -15.61
CA LEU B 452 -12.90 -27.39 -15.19
C LEU B 452 -11.55 -27.80 -14.60
N GLN B 453 -10.46 -27.49 -15.31
CA GLN B 453 -9.13 -27.82 -14.82
C GLN B 453 -8.83 -27.13 -13.51
N GLN B 454 -9.13 -25.83 -13.43
CA GLN B 454 -8.87 -25.08 -12.21
C GLN B 454 -9.51 -25.73 -10.99
N ARG B 455 -10.76 -26.20 -11.14
CA ARG B 455 -11.43 -26.89 -10.03
C ARG B 455 -10.64 -28.13 -9.65
N LYS B 456 -10.20 -28.89 -10.65
CA LYS B 456 -9.42 -30.10 -10.39
C LYS B 456 -8.16 -29.78 -9.61
N PHE B 457 -7.45 -28.72 -9.99
CA PHE B 457 -6.19 -28.40 -9.32
C PHE B 457 -6.42 -27.86 -7.92
N PHE B 458 -7.52 -27.12 -7.70
CA PHE B 458 -7.90 -26.74 -6.34
C PHE B 458 -8.24 -27.96 -5.48
N GLU B 459 -8.94 -28.94 -6.05
CA GLU B 459 -9.24 -30.16 -5.30
C GLU B 459 -7.96 -30.89 -4.90
N GLN B 460 -6.96 -30.90 -5.79
CA GLN B 460 -5.70 -31.54 -5.43
C GLN B 460 -4.98 -30.76 -4.32
N GLN B 461 -5.05 -29.42 -4.36
CA GLN B 461 -4.49 -28.62 -3.26
C GLN B 461 -5.18 -28.94 -1.95
N ALA B 462 -6.51 -28.96 -1.96
CA ALA B 462 -7.27 -29.30 -0.75
C ALA B 462 -6.87 -30.68 -0.23
N ASP B 463 -6.68 -31.65 -1.13
CA ASP B 463 -6.23 -32.97 -0.71
C ASP B 463 -4.85 -32.90 -0.06
N ALA B 464 -3.93 -32.14 -0.65
CA ALA B 464 -2.60 -31.99 -0.09
C ALA B 464 -2.66 -31.37 1.31
N LYS B 465 -3.41 -30.27 1.46
CA LYS B 465 -3.60 -29.66 2.78
CA LYS B 465 -3.59 -29.66 2.77
C LYS B 465 -4.15 -30.66 3.77
N ALA B 466 -5.13 -31.48 3.35
CA ALA B 466 -5.71 -32.46 4.26
C ALA B 466 -4.71 -33.54 4.62
N SER B 467 -3.69 -33.76 3.79
CA SER B 467 -2.65 -34.72 4.07
CA SER B 467 -2.63 -34.71 4.05
C SER B 467 -1.49 -34.11 4.85
N GLY B 468 -1.61 -32.87 5.30
CA GLY B 468 -0.57 -32.25 6.11
C GLY B 468 0.24 -31.16 5.46
N ASP B 469 -0.06 -30.77 4.22
CA ASP B 469 0.70 -29.71 3.56
C ASP B 469 0.13 -28.38 4.03
N VAL B 470 0.82 -27.72 4.97
CA VAL B 470 0.35 -26.44 5.49
C VAL B 470 0.58 -25.28 4.54
N GLU B 471 1.16 -25.52 3.35
CA GLU B 471 1.29 -24.50 2.33
C GLU B 471 0.30 -24.66 1.18
N ALA B 472 -0.57 -25.66 1.26
CA ALA B 472 -1.60 -25.88 0.25
C ALA B 472 -2.86 -25.12 0.66
N CYS B 473 -3.56 -24.55 -0.34
CA CYS B 473 -4.69 -23.68 -0.13
C CYS B 473 -6.01 -24.42 -0.30
N PRO B 474 -7.03 -24.01 0.45
CA PRO B 474 -8.37 -24.60 0.28
C PRO B 474 -9.00 -24.14 -1.03
N ILE B 475 -10.04 -24.85 -1.43
CA ILE B 475 -10.77 -24.49 -2.64
C ILE B 475 -11.51 -23.18 -2.42
N ASP B 476 -11.43 -22.29 -3.40
CA ASP B 476 -12.15 -21.01 -3.36
C ASP B 476 -13.23 -21.05 -4.44
N GLU B 477 -14.47 -21.33 -4.02
CA GLU B 477 -15.60 -21.43 -4.95
C GLU B 477 -15.89 -20.09 -5.62
N THR B 478 -15.71 -18.98 -4.90
CA THR B 478 -15.97 -17.67 -5.49
C THR B 478 -15.04 -17.39 -6.66
N PHE B 479 -13.81 -17.92 -6.62
CA PHE B 479 -12.91 -17.73 -7.75
C PHE B 479 -13.32 -18.61 -8.94
N CYS B 480 -13.73 -19.85 -8.69
CA CYS B 480 -14.19 -20.72 -9.77
C CYS B 480 -15.41 -20.13 -10.46
N LEU B 481 -16.36 -19.60 -9.68
CA LEU B 481 -17.53 -18.95 -10.25
C LEU B 481 -17.11 -17.77 -11.12
N ALA B 482 -16.10 -17.01 -10.66
CA ALA B 482 -15.60 -15.92 -11.47
C ALA B 482 -15.06 -16.42 -12.82
N LEU B 483 -14.35 -17.54 -12.83
CA LEU B 483 -13.81 -18.06 -14.08
C LEU B 483 -14.90 -18.53 -15.01
N GLU B 484 -16.05 -18.96 -14.45
CA GLU B 484 -17.15 -19.36 -15.31
C GLU B 484 -17.80 -18.18 -16.03
N HIS B 485 -17.50 -16.95 -15.64
CA HIS B 485 -17.96 -15.77 -16.36
C HIS B 485 -17.00 -15.35 -17.46
N GLY B 486 -15.85 -16.04 -17.57
CA GLY B 486 -14.93 -15.83 -18.67
C GLY B 486 -13.76 -14.92 -18.36
N LEU B 487 -12.62 -15.49 -17.97
CA LEU B 487 -11.39 -14.72 -17.84
C LEU B 487 -10.69 -14.69 -19.19
N PRO B 488 -10.50 -13.52 -19.80
CA PRO B 488 -9.76 -13.45 -21.05
C PRO B 488 -8.41 -14.13 -20.92
N PRO B 489 -7.80 -14.54 -22.02
CA PRO B 489 -6.38 -14.91 -21.96
C PRO B 489 -5.61 -13.78 -21.33
N THR B 490 -4.78 -14.12 -20.35
CA THR B 490 -4.17 -13.11 -19.49
C THR B 490 -2.80 -13.62 -19.04
N GLY B 491 -1.89 -12.68 -18.85
CA GLY B 491 -0.60 -12.97 -18.22
C GLY B 491 -0.48 -12.17 -16.93
N GLY B 492 0.02 -12.83 -15.87
CA GLY B 492 0.15 -12.20 -14.57
C GLY B 492 1.50 -12.51 -13.96
N TRP B 493 1.83 -11.78 -12.89
CA TRP B 493 3.22 -11.59 -12.53
C TRP B 493 3.32 -10.98 -11.14
N GLY B 494 4.22 -11.51 -10.34
CA GLY B 494 4.49 -10.95 -9.02
C GLY B 494 5.99 -10.75 -8.84
N LEU B 495 6.33 -9.70 -8.09
CA LEU B 495 7.72 -9.36 -7.82
C LEU B 495 7.86 -9.06 -6.34
N GLY B 496 8.96 -9.52 -5.76
CA GLY B 496 9.29 -9.17 -4.40
C GLY B 496 10.09 -7.89 -4.35
N ILE B 497 9.41 -6.79 -3.99
CA ILE B 497 10.06 -5.48 -3.98
C ILE B 497 11.26 -5.48 -3.04
N ASP B 498 11.10 -6.04 -1.84
CA ASP B 498 12.20 -6.03 -0.87
C ASP B 498 13.43 -6.70 -1.45
N ARG B 499 13.26 -7.90 -2.00
CA ARG B 499 14.40 -8.61 -2.57
C ARG B 499 15.04 -7.85 -3.73
N LEU B 500 14.23 -7.10 -4.50
CA LEU B 500 14.81 -6.25 -5.54
C LEU B 500 15.69 -5.17 -4.94
N ILE B 501 15.23 -4.53 -3.86
CA ILE B 501 16.03 -3.47 -3.24
C ILE B 501 17.35 -4.04 -2.74
N MET B 502 17.32 -5.26 -2.22
CA MET B 502 18.56 -5.91 -1.78
C MET B 502 19.63 -5.84 -2.85
N PHE B 503 19.28 -6.18 -4.09
CA PHE B 503 20.28 -6.16 -5.14
C PHE B 503 20.58 -4.74 -5.60
N LEU B 504 19.58 -3.86 -5.68
CA LEU B 504 19.84 -2.50 -6.14
C LEU B 504 20.70 -1.72 -5.15
N ALA B 505 20.51 -1.99 -3.87
CA ALA B 505 21.20 -1.26 -2.82
C ALA B 505 22.42 -2.02 -2.31
N ASP B 506 22.66 -3.24 -2.82
CA ASP B 506 23.74 -4.12 -2.36
C ASP B 506 23.64 -4.34 -0.83
N LYS B 507 22.58 -5.05 -0.45
CA LYS B 507 22.44 -5.56 0.91
C LYS B 507 22.14 -7.05 0.81
N ASN B 508 22.72 -7.84 1.73
CA ASN B 508 22.50 -9.28 1.71
C ASN B 508 21.56 -9.73 2.81
N ASN B 509 20.92 -8.79 3.50
CA ASN B 509 20.02 -9.07 4.60
C ASN B 509 18.76 -8.24 4.40
N ILE B 510 17.62 -8.90 4.25
CA ILE B 510 16.34 -8.22 4.03
C ILE B 510 16.03 -7.21 5.14
N LYS B 511 16.60 -7.38 6.34
CA LYS B 511 16.41 -6.41 7.41
C LYS B 511 17.05 -5.07 7.08
N GLU B 512 17.96 -5.01 6.11
CA GLU B 512 18.56 -3.75 5.71
C GLU B 512 17.64 -2.88 4.85
N VAL B 513 16.60 -3.46 4.25
CA VAL B 513 15.75 -2.75 3.31
C VAL B 513 14.34 -2.56 3.83
N ILE B 514 14.07 -2.95 5.07
CA ILE B 514 12.76 -2.78 5.69
C ILE B 514 12.96 -1.95 6.95
N LEU B 515 12.18 -0.88 7.10
CA LEU B 515 12.46 0.08 8.16
C LEU B 515 12.39 -0.59 9.53
N PHE B 516 11.36 -1.37 9.79
CA PHE B 516 11.17 -2.03 11.08
C PHE B 516 11.00 -3.52 10.84
N PRO B 517 12.08 -4.24 10.60
CA PRO B 517 11.95 -5.67 10.31
C PRO B 517 11.57 -6.44 11.56
N ALA B 518 10.97 -7.61 11.35
CA ALA B 518 10.62 -8.48 12.47
C ALA B 518 11.87 -9.07 13.11
N MET B 519 11.89 -9.12 14.45
CA MET B 519 13.04 -9.53 15.23
C MET B 519 12.63 -10.60 16.23
N ARG B 520 13.56 -11.52 16.52
CA ARG B 520 13.32 -12.62 17.46
C ARG B 520 13.17 -12.09 18.89
N ASN B 521 12.99 -13.03 19.82
CA ASN B 521 12.89 -12.76 21.25
C ASN B 521 11.99 -11.59 21.61
#